data_8JIU
#
_entry.id   8JIU
#
loop_
_entity.id
_entity.type
_entity.pdbx_description
1 polymer 'Guanine nucleotide-binding protein G(s) subunit alpha isoforms short'
2 polymer SAR425899
3 polymer 'Guanine nucleotide-binding protein G(I)/G(S)/G(T) subunit beta-1'
4 polymer 'Guanine nucleotide-binding protein G(I)/G(S)/G(O) subunit gamma-2'
5 polymer 'Nanobody 35'
6 polymer 'Glucagon receptor'
7 non-polymer 'N-hexadecanoyl-L-glutamic acid'
#
loop_
_entity_poly.entity_id
_entity_poly.type
_entity_poly.pdbx_seq_one_letter_code
_entity_poly.pdbx_strand_id
1 'polypeptide(L)'
;MGCLGNSKTEDQRNEEKAQREANKKIEKQLQKDKQVYRATHRLLLLGAGESGKNTIVKQMRILHVNGFNGEGGEEDPQAA
RSNSDGEKATKVQDIKNNLKEAIETIVAAMSNLVPPVELANPENQFRVDYILSVMNVPDFDFPPEFYEHAKALWEDEGVR
ACYERSNEYQLIDCAQYFLDKIDVIKQADYVPSDQDLLRCRVLTSGIFETKFQVDKVNFHMFDVGAQRDERRKWIQCFND
VTAIIFVVASSSYNMVIREDNQTNRLQAALKLFDSIWNNKWLRDTSVILFLNKQDLLAEKVLAGKSKIEDYFPEFARYTT
PEDATPEPGEDPRVTRAKYFIRDEFLRISTASGDGRHYCYPHFTCAVDTENIRRVFNDCRDIIQRMHLRQYELL
;
A
2 'polypeptide(L)' H(DSN)QGTFTSDLSKQKESKAAQDFIEWLKAG P
3 'polypeptide(L)'
;MGSLLQSELDQLRQEAEQLKNQIRDARKACADATLSQITNNIDPVGRIQMRTRRTLRGHLAKIYAMHWGTDSRLLVSASQ
DGKLIIWDSYTTNKVHAIPLRSSWVMTCAYAPSGNYVACGGLDNICSIYNLKTREGNVRVSRELAGHTGYLSCCRFLDDN
QIVTSSGDTTCALWDIETGQQTTTFTGHTGDVMSLSLAPDTRLFVSGACDASAKLWDVREGMCRQTFTGHESDINAICFF
PNGNAFATGSDDATCRLFDLRADQELMTYSHDNIICGITSVSFSKSGRLLLAGYDDFNCNVWDALKADRAGVLAGHDNRV
SCLGVTDDGMAVATGSWDSFLKIWN
;
B
4 'polypeptide(L)' ASNNTASIAQARKLVEQLKMEANIDRIKVSKAAADLMAYCEAHAKEDPLLTPVPASENPFREKKFFCAIL C
5 'polypeptide(L)'
;MAQVQLQESGGGLVQPGGSLRLSCAASGFTFSNYKMNWVRQAPGKGLEWVSDISQSGASISYTGSVKGRFTISRDNAKNT
LYLQMNSLKPEDTAVYYCARCPAPFTRDCFDVTSTTYAYRGQGTQVTVSSHHHHHHEPEA
;
N
6 'polypeptide(L)'
;QVMDFLFEKWKLYGDQCHHNLSLLPPPTELVCNRTFDKYSCWPDTPANTTANISCPWYLPWHHKVQHRFVFKRCGPDGQW
VRGPRGQPWRDASQCQMDGEEIEVQKEVAKMYSSFQVMYTVGYSLSLGALLLALAILGGLSKLHCTRNAIHANLFASFVL
KASSVLVIDGLLRTRYSQKIGDDLSVSTWLSDGAVAGCRVAAVFMQYGIVANYCWLLVEGLYLHNLLGLATLPERSFFSL
YLGIGWGAPMLFVVPWAVVKCLFENVQCWTSNDNMGFWWILRFPVFLAILINFFIFVRIVQLLVAKLRARQMHHTDYKFR
LAKSTLTLIPLLGVHEVVFAFVTDEHAQGTLRSAKLFFDLFLSSFQGLLVAVLYCFLNKEVQSELRRRWHRWRLGKVLWE
ERNTS
;
R
#
loop_
_chem_comp.id
_chem_comp.type
_chem_comp.name
_chem_comp.formula
D6M non-polymer 'N-hexadecanoyl-L-glutamic acid' 'C21 H39 N O5'
#
# COMPACT_ATOMS: atom_id res chain seq x y z
N THR A 9 -17.54 -26.88 -35.87
CA THR A 9 -16.46 -26.26 -35.11
C THR A 9 -16.80 -24.82 -34.73
N GLU A 10 -17.85 -24.28 -35.35
CA GLU A 10 -18.30 -22.93 -34.99
C GLU A 10 -18.85 -22.89 -33.57
N ASP A 11 -19.13 -24.05 -32.98
CA ASP A 11 -19.58 -24.10 -31.60
C ASP A 11 -18.56 -23.48 -30.66
N GLN A 12 -17.28 -23.74 -30.89
CA GLN A 12 -16.23 -23.15 -30.06
C GLN A 12 -16.25 -21.63 -30.13
N ARG A 13 -16.31 -21.06 -31.34
CA ARG A 13 -16.30 -19.61 -31.45
C ARG A 13 -17.55 -19.00 -30.83
N ASN A 14 -18.72 -19.61 -31.05
CA ASN A 14 -19.92 -18.98 -30.49
C ASN A 14 -19.98 -19.09 -28.98
N GLU A 15 -19.53 -20.21 -28.40
CA GLU A 15 -19.51 -20.31 -26.94
C GLU A 15 -18.47 -19.36 -26.35
N GLU A 16 -17.33 -19.19 -27.04
CA GLU A 16 -16.33 -18.24 -26.59
C GLU A 16 -16.87 -16.82 -26.64
N LYS A 17 -17.61 -16.49 -27.69
CA LYS A 17 -18.24 -15.17 -27.78
C LYS A 17 -19.25 -14.96 -26.67
N ALA A 18 -20.06 -15.98 -26.37
CA ALA A 18 -21.03 -15.85 -25.28
C ALA A 18 -20.33 -15.66 -23.94
N GLN A 19 -19.26 -16.42 -23.70
CA GLN A 19 -18.51 -16.25 -22.46
C GLN A 19 -17.87 -14.88 -22.36
N ARG A 20 -17.33 -14.37 -23.47
CA ARG A 20 -16.77 -13.02 -23.46
C ARG A 20 -17.83 -11.96 -23.21
N GLU A 21 -19.03 -12.13 -23.78
CA GLU A 21 -20.11 -11.18 -23.51
C GLU A 21 -20.50 -11.21 -22.03
N ALA A 22 -20.59 -12.41 -21.45
CA ALA A 22 -20.90 -12.51 -20.03
C ALA A 22 -19.81 -11.86 -19.18
N ASN A 23 -18.55 -12.07 -19.55
CA ASN A 23 -17.45 -11.46 -18.83
C ASN A 23 -17.50 -9.94 -18.95
N LYS A 24 -17.85 -9.43 -20.13
CA LYS A 24 -17.96 -7.98 -20.31
C LYS A 24 -19.08 -7.41 -19.44
N LYS A 25 -20.22 -8.09 -19.38
CA LYS A 25 -21.30 -7.63 -18.50
C LYS A 25 -20.86 -7.64 -17.04
N ILE A 26 -20.14 -8.69 -16.63
CA ILE A 26 -19.64 -8.77 -15.27
C ILE A 26 -18.68 -7.62 -14.98
N GLU A 27 -17.77 -7.32 -15.92
CA GLU A 27 -16.86 -6.20 -15.76
C GLU A 27 -17.59 -4.88 -15.66
N LYS A 28 -18.63 -4.68 -16.48
CA LYS A 28 -19.39 -3.44 -16.42
C LYS A 28 -20.06 -3.28 -15.06
N GLN A 29 -20.69 -4.34 -14.56
CA GLN A 29 -21.32 -4.26 -13.25
C GLN A 29 -20.30 -4.04 -12.14
N LEU A 30 -19.14 -4.69 -12.24
CA LEU A 30 -18.10 -4.54 -11.24
C LEU A 30 -17.56 -3.11 -11.22
N GLN A 31 -17.34 -2.51 -12.39
CA GLN A 31 -16.95 -1.11 -12.42
C GLN A 31 -18.04 -0.22 -11.83
N LYS A 32 -19.31 -0.49 -12.17
CA LYS A 32 -20.40 0.33 -11.71
C LYS A 32 -20.53 0.32 -10.18
N ASP A 33 -20.40 -0.83 -9.54
CA ASP A 33 -20.51 -0.87 -8.09
C ASP A 33 -19.18 -0.64 -7.36
N LYS A 34 -18.04 -0.74 -8.06
CA LYS A 34 -16.79 -0.27 -7.47
C LYS A 34 -16.76 1.25 -7.41
N GLN A 35 -17.38 1.92 -8.38
CA GLN A 35 -17.48 3.37 -8.34
C GLN A 35 -18.21 3.86 -7.09
N VAL A 36 -19.11 3.05 -6.53
CA VAL A 36 -19.82 3.43 -5.32
C VAL A 36 -19.23 2.78 -4.07
N TYR A 37 -18.49 1.67 -4.20
CA TYR A 37 -17.86 1.08 -3.03
C TYR A 37 -16.76 1.95 -2.46
N ARG A 38 -16.02 2.65 -3.33
CA ARG A 38 -14.92 3.50 -2.89
C ARG A 38 -15.39 4.79 -2.23
N ALA A 39 -16.62 5.23 -2.47
CA ALA A 39 -17.10 6.50 -1.95
C ALA A 39 -17.83 6.39 -0.63
N THR A 40 -18.17 5.18 -0.19
CA THR A 40 -18.91 4.99 1.05
C THR A 40 -17.94 4.62 2.17
N HIS A 41 -17.94 5.42 3.23
CA HIS A 41 -17.13 5.11 4.40
C HIS A 41 -17.81 4.05 5.24
N ARG A 42 -17.00 3.11 5.76
CA ARG A 42 -17.46 2.12 6.71
C ARG A 42 -16.96 2.50 8.10
N LEU A 43 -17.77 2.19 9.11
CA LEU A 43 -17.50 2.60 10.49
C LEU A 43 -17.91 1.48 11.43
N LEU A 44 -16.94 0.85 12.08
CA LEU A 44 -17.25 -0.14 13.11
C LEU A 44 -17.54 0.57 14.42
N LEU A 45 -18.68 0.24 15.04
CA LEU A 45 -19.07 0.82 16.32
C LEU A 45 -19.19 -0.30 17.33
N LEU A 46 -18.34 -0.27 18.35
CA LEU A 46 -18.39 -1.23 19.46
C LEU A 46 -18.18 -0.50 20.78
N GLY A 47 -18.70 -1.09 21.84
CA GLY A 47 -18.58 -0.51 23.16
C GLY A 47 -18.65 -1.60 24.22
N ALA A 48 -18.33 -1.20 25.46
CA ALA A 48 -18.37 -2.14 26.58
C ALA A 48 -19.79 -2.62 26.85
N GLY A 49 -20.76 -1.71 26.79
CA GLY A 49 -22.14 -2.07 27.05
C GLY A 49 -22.86 -1.04 27.90
N GLU A 50 -24.16 -0.88 27.66
CA GLU A 50 -24.99 0.11 28.36
C GLU A 50 -24.38 1.52 28.23
N SER A 51 -24.16 1.91 26.99
CA SER A 51 -23.56 3.20 26.68
C SER A 51 -24.54 4.20 26.09
N GLY A 52 -25.62 3.73 25.47
CA GLY A 52 -26.59 4.63 24.87
C GLY A 52 -26.27 4.98 23.44
N LYS A 53 -26.06 3.97 22.61
CA LYS A 53 -25.69 4.17 21.22
C LYS A 53 -26.90 4.38 20.31
N ASN A 54 -28.11 4.36 20.85
CA ASN A 54 -29.31 4.55 20.06
C ASN A 54 -29.59 6.01 19.72
N THR A 55 -28.89 6.95 20.36
CA THR A 55 -29.11 8.37 20.11
C THR A 55 -28.36 8.89 18.89
N ILE A 56 -27.54 8.05 18.25
CA ILE A 56 -26.78 8.50 17.08
C ILE A 56 -27.72 8.88 15.94
N VAL A 57 -28.72 8.05 15.69
CA VAL A 57 -29.69 8.35 14.63
C VAL A 57 -30.79 9.26 15.15
N LYS A 58 -31.16 9.13 16.43
CA LYS A 58 -32.22 9.96 17.00
C LYS A 58 -31.67 11.30 17.45
N ILE A 207 -29.74 -7.11 11.19
CA ILE A 207 -30.30 -6.89 12.51
C ILE A 207 -29.44 -5.90 13.28
N PHE A 208 -28.30 -5.53 12.71
CA PHE A 208 -27.41 -4.56 13.32
C PHE A 208 -26.91 -3.47 12.38
N GLU A 209 -26.97 -3.67 11.06
CA GLU A 209 -26.45 -2.70 10.11
C GLU A 209 -27.34 -1.47 10.05
N THR A 210 -26.71 -0.30 9.90
CA THR A 210 -27.42 0.95 9.71
C THR A 210 -26.53 1.90 8.92
N LYS A 211 -27.17 2.89 8.31
CA LYS A 211 -26.45 3.82 7.45
C LYS A 211 -27.05 5.22 7.59
N PHE A 212 -26.24 6.22 7.27
CA PHE A 212 -26.67 7.61 7.30
C PHE A 212 -25.84 8.39 6.29
N GLN A 213 -26.20 9.65 6.10
CA GLN A 213 -25.54 10.47 5.09
C GLN A 213 -25.51 11.93 5.56
N VAL A 214 -24.33 12.54 5.46
CA VAL A 214 -24.14 13.95 5.78
C VAL A 214 -23.22 14.56 4.74
N ASP A 215 -23.57 15.78 4.30
CA ASP A 215 -22.78 16.53 3.32
C ASP A 215 -22.52 15.71 2.06
N LYS A 216 -23.54 15.00 1.60
CA LYS A 216 -23.46 14.14 0.42
C LYS A 216 -22.34 13.11 0.55
N VAL A 217 -22.16 12.58 1.76
CA VAL A 217 -21.19 11.53 2.04
C VAL A 217 -21.91 10.38 2.70
N ASN A 218 -21.68 9.17 2.20
CA ASN A 218 -22.33 7.98 2.71
C ASN A 218 -21.50 7.32 3.79
N PHE A 219 -22.19 6.75 4.78
CA PHE A 219 -21.56 6.08 5.90
C PHE A 219 -22.27 4.76 6.16
N HIS A 220 -21.53 3.80 6.71
CA HIS A 220 -22.06 2.49 7.08
C HIS A 220 -21.57 2.18 8.49
N MET A 221 -22.41 2.47 9.49
CA MET A 221 -22.05 2.26 10.89
C MET A 221 -22.49 0.85 11.28
N PHE A 222 -21.52 -0.06 11.34
CA PHE A 222 -21.78 -1.49 11.55
C PHE A 222 -21.78 -1.80 13.03
N ASP A 223 -22.98 -1.98 13.59
CA ASP A 223 -23.09 -2.48 14.95
C ASP A 223 -22.80 -3.98 14.99
N VAL A 224 -22.32 -4.45 16.13
CA VAL A 224 -21.96 -5.86 16.30
C VAL A 224 -22.64 -6.42 17.55
N GLY A 225 -23.77 -5.82 17.93
CA GLY A 225 -24.43 -6.20 19.16
C GLY A 225 -25.10 -7.56 19.16
N ALA A 226 -24.81 -8.39 18.16
CA ALA A 226 -25.40 -9.71 18.06
C ALA A 226 -24.42 -10.85 18.28
N GLN A 227 -23.12 -10.56 18.28
CA GLN A 227 -22.10 -11.60 18.40
C GLN A 227 -21.83 -11.90 19.87
N ARG A 228 -20.79 -12.69 20.10
CA ARG A 228 -20.40 -13.03 21.47
C ARG A 228 -19.44 -12.00 22.02
N ASP A 229 -18.84 -12.28 23.17
CA ASP A 229 -17.96 -11.30 23.83
C ASP A 229 -16.51 -11.63 23.60
N GLU A 230 -16.26 -12.62 22.75
CA GLU A 230 -14.91 -13.01 22.38
C GLU A 230 -14.68 -12.31 21.08
N ARG A 231 -13.89 -11.25 21.08
CA ARG A 231 -13.72 -10.41 19.91
C ARG A 231 -12.44 -10.70 19.14
N ARG A 232 -11.63 -11.66 19.58
CA ARG A 232 -10.31 -11.84 18.98
C ARG A 232 -10.36 -12.48 17.60
N LYS A 233 -11.52 -12.90 17.12
CA LYS A 233 -11.64 -13.55 15.83
C LYS A 233 -12.40 -12.74 14.78
N TRP A 234 -13.57 -12.23 15.11
CA TRP A 234 -14.39 -11.52 14.14
C TRP A 234 -13.98 -10.06 13.97
N ILE A 235 -13.02 -9.57 14.78
CA ILE A 235 -12.55 -8.20 14.65
C ILE A 235 -11.49 -8.07 13.56
N GLN A 236 -10.91 -9.19 13.11
CA GLN A 236 -9.96 -9.15 12.01
C GLN A 236 -10.62 -8.73 10.71
N CYS A 237 -11.94 -8.90 10.59
CA CYS A 237 -12.64 -8.47 9.38
C CYS A 237 -12.61 -6.95 9.23
N PHE A 238 -12.67 -6.23 10.36
CA PHE A 238 -12.73 -4.78 10.33
C PHE A 238 -11.33 -4.16 10.35
N ASN A 239 -10.52 -4.55 9.36
CA ASN A 239 -9.21 -3.95 9.17
C ASN A 239 -9.16 -3.02 7.97
N ASP A 240 -10.06 -3.17 7.01
CA ASP A 240 -10.19 -2.21 5.91
C ASP A 240 -11.14 -1.07 6.26
N VAL A 241 -11.74 -1.09 7.45
CA VAL A 241 -12.64 -0.02 7.86
C VAL A 241 -11.85 1.28 8.03
N THR A 242 -12.52 2.39 7.73
CA THR A 242 -11.85 3.68 7.76
C THR A 242 -11.52 4.12 9.19
N ALA A 243 -12.50 4.00 10.09
CA ALA A 243 -12.33 4.45 11.47
C ALA A 243 -13.17 3.57 12.39
N ILE A 244 -12.53 2.98 13.39
CA ILE A 244 -13.23 2.18 14.40
C ILE A 244 -13.77 3.09 15.48
N ILE A 245 -15.08 3.36 15.45
CA ILE A 245 -15.69 4.20 16.47
C ILE A 245 -15.77 3.40 17.77
N PHE A 246 -15.18 3.93 18.83
CA PHE A 246 -15.10 3.26 20.13
C PHE A 246 -15.78 4.14 21.17
N VAL A 247 -17.07 3.90 21.38
CA VAL A 247 -17.83 4.65 22.38
C VAL A 247 -17.59 4.02 23.74
N VAL A 248 -17.29 4.85 24.73
CA VAL A 248 -17.02 4.38 26.07
C VAL A 248 -18.07 4.95 27.02
N ALA A 249 -18.44 4.16 28.02
CA ALA A 249 -19.40 4.56 29.04
C ALA A 249 -18.65 4.68 30.36
N SER A 250 -18.22 5.91 30.68
CA SER A 250 -17.40 6.14 31.86
C SER A 250 -18.20 6.19 33.14
N SER A 251 -19.53 6.12 33.07
CA SER A 251 -20.40 6.15 34.23
C SER A 251 -21.29 4.91 34.29
N SER A 252 -20.75 3.76 33.87
CA SER A 252 -21.51 2.52 33.89
C SER A 252 -20.83 1.49 34.80
N TYR A 253 -20.09 1.96 35.79
CA TYR A 253 -19.46 1.10 36.78
C TYR A 253 -20.30 0.96 38.06
N ASN A 254 -21.48 1.57 38.10
CA ASN A 254 -22.36 1.43 39.26
C ASN A 254 -22.91 0.02 39.40
N MET A 255 -23.22 -0.64 38.29
CA MET A 255 -23.67 -2.03 38.32
C MET A 255 -22.52 -2.99 38.03
N THR A 263 -17.79 -3.07 39.32
CA THR A 263 -17.37 -3.75 38.10
C THR A 263 -16.12 -3.10 37.52
N ASN A 264 -16.03 -1.78 37.69
CA ASN A 264 -14.90 -0.97 37.20
C ASN A 264 -14.75 -1.13 35.68
N ARG A 265 -15.78 -0.69 34.98
CA ARG A 265 -15.81 -0.77 33.52
C ARG A 265 -14.74 0.10 32.86
N LEU A 266 -14.22 1.11 33.56
CA LEU A 266 -13.20 1.97 32.97
C LEU A 266 -11.94 1.18 32.65
N GLN A 267 -11.49 0.34 33.59
CA GLN A 267 -10.29 -0.45 33.35
C GLN A 267 -10.49 -1.44 32.21
N ALA A 268 -11.66 -2.07 32.15
CA ALA A 268 -11.95 -2.99 31.05
C ALA A 268 -11.95 -2.27 29.71
N ALA A 269 -12.53 -1.07 29.66
CA ALA A 269 -12.52 -0.29 28.43
C ALA A 269 -11.10 0.09 28.04
N LEU A 270 -10.27 0.45 29.02
CA LEU A 270 -8.91 0.80 28.71
C LEU A 270 -8.18 -0.41 28.14
N LYS A 271 -8.34 -1.58 28.75
CA LYS A 271 -7.67 -2.77 28.24
C LYS A 271 -8.15 -3.13 26.84
N LEU A 272 -9.45 -3.02 26.57
CA LEU A 272 -9.96 -3.31 25.25
C LEU A 272 -9.40 -2.32 24.22
N PHE A 273 -9.33 -1.04 24.57
CA PHE A 273 -8.76 -0.05 23.67
C PHE A 273 -7.28 -0.33 23.41
N ASP A 274 -6.54 -0.73 24.45
CA ASP A 274 -5.14 -1.07 24.26
C ASP A 274 -4.97 -2.28 23.35
N SER A 275 -5.83 -3.28 23.52
CA SER A 275 -5.78 -4.45 22.64
C SER A 275 -6.10 -4.09 21.20
N ILE A 276 -7.10 -3.22 20.99
CA ILE A 276 -7.44 -2.82 19.63
C ILE A 276 -6.32 -2.01 19.01
N TRP A 277 -5.71 -1.10 19.78
CA TRP A 277 -4.66 -0.25 19.26
C TRP A 277 -3.44 -1.05 18.81
N ASN A 278 -3.04 -2.05 19.59
CA ASN A 278 -1.79 -2.76 19.40
C ASN A 278 -1.95 -4.04 18.59
N ASN A 279 -3.12 -4.27 17.99
CA ASN A 279 -3.34 -5.47 17.21
C ASN A 279 -2.50 -5.45 15.93
N LYS A 280 -2.17 -6.65 15.45
CA LYS A 280 -1.34 -6.79 14.25
C LYS A 280 -2.06 -6.28 13.01
N TRP A 281 -3.35 -6.55 12.87
CA TRP A 281 -4.08 -6.19 11.66
C TRP A 281 -4.82 -4.86 11.78
N LEU A 282 -4.89 -4.29 12.98
CA LEU A 282 -5.54 -3.00 13.20
C LEU A 282 -4.55 -1.86 13.29
N ARG A 283 -3.32 -2.05 12.79
CA ARG A 283 -2.30 -1.01 12.87
C ARG A 283 -2.69 0.23 12.08
N ASP A 284 -3.28 0.02 10.90
CA ASP A 284 -3.60 1.13 10.01
C ASP A 284 -4.98 1.72 10.25
N THR A 285 -5.75 1.19 11.22
CA THR A 285 -7.10 1.65 11.47
C THR A 285 -7.09 2.66 12.61
N SER A 286 -7.54 3.88 12.32
CA SER A 286 -7.67 4.89 13.35
C SER A 286 -8.94 4.63 14.18
N VAL A 287 -8.97 5.22 15.38
CA VAL A 287 -10.04 4.98 16.34
C VAL A 287 -10.63 6.31 16.76
N ILE A 288 -11.95 6.43 16.65
CA ILE A 288 -12.67 7.57 17.21
C ILE A 288 -13.14 7.23 18.61
N LEU A 289 -12.82 8.10 19.57
CA LEU A 289 -13.12 7.86 20.97
C LEU A 289 -14.22 8.81 21.41
N PHE A 290 -15.25 8.27 22.04
CA PHE A 290 -16.41 9.05 22.49
C PHE A 290 -16.58 8.85 23.99
N LEU A 291 -16.29 9.89 24.77
CA LEU A 291 -16.48 9.86 26.21
C LEU A 291 -17.94 10.12 26.50
N ASN A 292 -18.77 9.09 26.34
CA ASN A 292 -20.22 9.23 26.43
C ASN A 292 -20.63 9.21 27.91
N LYS A 293 -21.90 9.51 28.18
CA LYS A 293 -22.43 9.61 29.54
C LYS A 293 -21.66 10.64 30.37
N GLN A 294 -21.23 11.70 29.69
CA GLN A 294 -20.44 12.72 30.38
C GLN A 294 -21.20 13.48 31.46
N ASP A 295 -22.50 13.71 31.28
CA ASP A 295 -23.25 14.46 32.27
C ASP A 295 -23.35 13.72 33.59
N LEU A 296 -23.30 12.38 33.55
CA LEU A 296 -23.41 11.59 34.77
C LEU A 296 -22.14 11.60 35.61
N LEU A 297 -21.04 12.18 35.11
CA LEU A 297 -19.83 12.25 35.91
C LEU A 297 -20.01 13.16 37.11
N ALA A 298 -20.85 14.18 36.98
CA ALA A 298 -21.01 15.15 38.06
C ALA A 298 -21.59 14.50 39.33
N GLU A 299 -22.61 13.66 39.17
CA GLU A 299 -23.22 13.02 40.35
C GLU A 299 -22.33 11.92 40.91
N LYS A 300 -21.37 11.43 40.14
CA LYS A 300 -20.47 10.38 40.60
C LYS A 300 -19.43 10.87 41.60
N VAL A 301 -19.29 12.18 41.77
CA VAL A 301 -18.32 12.73 42.70
C VAL A 301 -18.96 13.47 43.88
N LEU A 302 -20.14 14.05 43.70
CA LEU A 302 -20.80 14.75 44.79
C LEU A 302 -21.33 13.79 45.84
N ALA A 303 -21.92 12.67 45.41
CA ALA A 303 -22.44 11.69 46.35
C ALA A 303 -21.32 11.08 47.20
N GLY A 304 -20.19 10.75 46.57
CA GLY A 304 -19.05 10.22 47.29
C GLY A 304 -19.18 8.75 47.63
N LYS A 305 -20.17 8.07 47.05
CA LYS A 305 -20.29 6.64 47.25
C LYS A 305 -19.13 5.86 46.63
N SER A 306 -18.72 6.23 45.42
CA SER A 306 -17.56 5.63 44.78
C SER A 306 -16.70 6.74 44.20
N LYS A 307 -15.40 6.69 44.45
CA LYS A 307 -14.49 7.74 44.04
C LYS A 307 -13.59 7.23 42.91
N ILE A 308 -13.35 8.08 41.91
CA ILE A 308 -12.42 7.74 40.86
C ILE A 308 -11.01 7.57 41.43
N GLU A 309 -10.65 8.40 42.40
CA GLU A 309 -9.36 8.27 43.06
C GLU A 309 -9.20 6.93 43.78
N ASP A 310 -10.31 6.30 44.19
CA ASP A 310 -10.21 4.99 44.80
C ASP A 310 -9.72 3.95 43.80
N TYR A 311 -10.17 4.04 42.54
CA TYR A 311 -9.76 3.12 41.49
C TYR A 311 -8.59 3.64 40.68
N PHE A 312 -8.06 4.82 41.00
CA PHE A 312 -6.95 5.40 40.26
C PHE A 312 -6.08 6.19 41.22
N PRO A 313 -4.82 5.79 41.42
CA PRO A 313 -3.98 6.53 42.37
C PRO A 313 -3.31 7.76 41.78
N GLU A 314 -3.27 7.90 40.45
CA GLU A 314 -2.68 9.06 39.81
C GLU A 314 -3.66 10.23 39.71
N PHE A 315 -4.91 10.05 40.12
CA PHE A 315 -5.89 11.13 40.03
C PHE A 315 -5.65 12.20 41.08
N ALA A 316 -5.19 11.81 42.27
CA ALA A 316 -4.95 12.78 43.33
C ALA A 316 -3.83 13.74 42.97
N ARG A 317 -2.81 13.26 42.25
CA ARG A 317 -1.67 14.09 41.84
C ARG A 317 -1.84 14.64 40.44
N TYR A 318 -3.09 14.82 40.00
CA TYR A 318 -3.38 15.29 38.66
C TYR A 318 -3.83 16.75 38.68
N THR A 319 -3.32 17.52 37.72
CA THR A 319 -3.73 18.91 37.53
C THR A 319 -4.36 19.07 36.15
N THR A 320 -5.38 19.90 36.08
CA THR A 320 -6.05 20.14 34.80
C THR A 320 -5.09 20.79 33.83
N PRO A 321 -5.10 20.40 32.55
CA PRO A 321 -4.18 21.00 31.58
C PRO A 321 -4.44 22.48 31.39
N GLU A 322 -3.36 23.22 31.14
CA GLU A 322 -3.47 24.66 30.93
C GLU A 322 -4.21 24.98 29.64
N ASP A 323 -4.01 24.19 28.59
CA ASP A 323 -4.68 24.40 27.32
C ASP A 323 -6.07 23.79 27.26
N ALA A 324 -6.50 23.12 28.33
CA ALA A 324 -7.82 22.51 28.39
C ALA A 324 -8.85 23.59 28.69
N THR A 325 -9.73 23.87 27.73
CA THR A 325 -10.73 24.90 27.95
C THR A 325 -11.89 24.37 28.79
N PRO A 326 -12.18 25.03 29.91
CA PRO A 326 -13.33 24.63 30.73
C PRO A 326 -14.65 24.91 30.05
N GLU A 327 -15.61 24.02 30.22
CA GLU A 327 -16.92 24.21 29.64
C GLU A 327 -17.64 25.21 30.51
N PRO A 328 -18.19 26.26 29.90
CA PRO A 328 -18.95 27.25 30.67
C PRO A 328 -20.07 26.59 31.46
N GLY A 329 -19.92 26.54 32.77
CA GLY A 329 -20.95 25.93 33.61
C GLY A 329 -20.62 24.51 33.96
N GLU A 330 -19.37 24.26 34.34
CA GLU A 330 -18.98 22.92 34.79
C GLU A 330 -18.07 23.03 35.98
N ASP A 331 -18.35 22.27 37.03
CA ASP A 331 -17.50 22.27 38.21
C ASP A 331 -16.11 21.87 37.79
N PRO A 332 -15.11 22.62 38.25
CA PRO A 332 -13.73 22.32 37.85
C PRO A 332 -13.37 20.88 38.07
N ARG A 333 -14.10 20.19 38.94
CA ARG A 333 -13.74 18.81 39.25
C ARG A 333 -14.21 17.84 38.18
N VAL A 334 -15.36 18.12 37.59
CA VAL A 334 -15.84 17.28 36.51
C VAL A 334 -14.87 17.43 35.35
N THR A 335 -14.50 18.66 35.02
CA THR A 335 -13.62 18.87 33.89
C THR A 335 -12.33 18.12 34.15
N ARG A 336 -11.86 18.17 35.37
CA ARG A 336 -10.61 17.52 35.75
C ARG A 336 -10.70 16.00 35.58
N ALA A 337 -11.80 15.41 36.04
CA ALA A 337 -11.96 13.96 35.94
C ALA A 337 -12.05 13.52 34.48
N LYS A 338 -12.79 14.28 33.68
CA LYS A 338 -12.99 13.92 32.27
C LYS A 338 -11.74 14.06 31.46
N TYR A 339 -10.93 15.06 31.77
CA TYR A 339 -9.63 15.21 31.12
C TYR A 339 -8.62 14.20 31.62
N PHE A 340 -8.82 13.68 32.82
CA PHE A 340 -7.95 12.62 33.33
C PHE A 340 -8.21 11.37 32.53
N ILE A 341 -9.47 11.04 32.34
CA ILE A 341 -9.80 9.82 31.63
C ILE A 341 -9.37 9.94 30.20
N ARG A 342 -9.57 11.10 29.60
CA ARG A 342 -9.13 11.30 28.24
C ARG A 342 -7.67 11.01 28.15
N ASP A 343 -6.90 11.50 29.09
CA ASP A 343 -5.46 11.33 29.04
C ASP A 343 -4.99 9.91 29.26
N GLU A 344 -5.78 9.11 29.95
CA GLU A 344 -5.40 7.73 30.17
C GLU A 344 -5.48 7.03 28.85
N PHE A 345 -6.53 7.30 28.11
CA PHE A 345 -6.70 6.65 26.84
C PHE A 345 -5.66 7.16 25.89
N LEU A 346 -5.29 8.43 26.02
CA LEU A 346 -4.32 9.02 25.12
C LEU A 346 -2.91 8.63 25.43
N ARG A 347 -2.67 8.12 26.64
CA ARG A 347 -1.35 7.66 26.95
C ARG A 347 -1.18 6.32 26.29
N ILE A 348 -2.20 5.48 26.37
CA ILE A 348 -2.15 4.19 25.73
C ILE A 348 -2.01 4.46 24.26
N SER A 349 -2.74 5.45 23.79
CA SER A 349 -2.74 5.69 22.35
C SER A 349 -1.34 6.01 21.83
N THR A 350 -0.59 6.86 22.55
CA THR A 350 0.71 7.32 22.08
C THR A 350 1.88 6.49 22.59
N ALA A 351 1.67 5.59 23.54
CA ALA A 351 2.79 4.78 24.05
C ALA A 351 3.33 3.85 22.97
N SER A 352 2.45 3.21 22.22
CA SER A 352 2.86 2.30 21.15
C SER A 352 3.07 3.09 19.86
N GLY A 353 3.41 2.39 18.78
CA GLY A 353 3.58 3.03 17.49
C GLY A 353 2.32 3.69 17.00
N ASP A 354 2.42 4.97 16.62
CA ASP A 354 1.24 5.71 16.18
C ASP A 354 1.46 6.40 14.83
N GLY A 355 2.49 5.99 14.08
CA GLY A 355 2.72 6.60 12.78
C GLY A 355 1.72 6.18 11.73
N ARG A 356 1.02 5.07 11.94
CA ARG A 356 0.07 4.55 10.96
C ARG A 356 -1.37 4.95 11.25
N HIS A 357 -1.69 5.31 12.48
CA HIS A 357 -3.06 5.62 12.85
C HIS A 357 -3.05 6.56 14.04
N TYR A 358 -4.16 7.27 14.21
CA TYR A 358 -4.29 8.27 15.26
C TYR A 358 -5.61 8.08 15.99
N CYS A 359 -5.69 8.62 17.20
CA CYS A 359 -6.89 8.56 18.03
C CYS A 359 -7.48 9.96 18.13
N TYR A 360 -8.81 10.03 18.15
CA TYR A 360 -9.54 11.29 18.13
C TYR A 360 -10.52 11.32 19.29
N PRO A 361 -10.06 11.69 20.48
CA PRO A 361 -10.97 11.77 21.63
C PRO A 361 -12.02 12.85 21.44
N HIS A 362 -13.20 12.61 22.02
CA HIS A 362 -14.32 13.53 21.92
C HIS A 362 -15.18 13.39 23.18
N PHE A 363 -16.02 14.40 23.40
CA PHE A 363 -16.98 14.36 24.50
C PHE A 363 -18.37 14.49 23.92
N THR A 364 -19.20 13.48 24.13
CA THR A 364 -20.55 13.47 23.58
C THR A 364 -21.44 14.45 24.33
N CYS A 365 -22.26 15.18 23.58
CA CYS A 365 -23.20 16.14 24.13
C CYS A 365 -24.62 15.58 24.05
N ALA A 366 -25.59 16.38 24.49
CA ALA A 366 -26.96 15.92 24.58
C ALA A 366 -27.66 15.83 23.24
N VAL A 367 -27.14 16.51 22.21
CA VAL A 367 -27.77 16.51 20.89
C VAL A 367 -26.88 15.73 19.92
N ASP A 368 -27.51 15.17 18.90
CA ASP A 368 -26.81 14.35 17.92
C ASP A 368 -26.47 15.09 16.64
N THR A 369 -26.93 16.34 16.48
CA THR A 369 -26.62 17.10 15.27
C THR A 369 -25.14 17.45 15.17
N GLU A 370 -24.42 17.48 16.30
CA GLU A 370 -23.00 17.75 16.29
C GLU A 370 -22.15 16.49 16.28
N ASN A 371 -22.69 15.36 16.74
CA ASN A 371 -21.92 14.14 16.82
C ASN A 371 -21.58 13.59 15.44
N ILE A 372 -22.58 13.53 14.55
CA ILE A 372 -22.34 13.06 13.19
C ILE A 372 -21.41 14.01 12.45
N ARG A 373 -21.53 15.32 12.70
CA ARG A 373 -20.59 16.27 12.11
C ARG A 373 -19.17 16.01 12.59
N ARG A 374 -19.01 15.70 13.88
CA ARG A 374 -17.69 15.35 14.39
C ARG A 374 -17.14 14.11 13.71
N VAL A 375 -17.98 13.09 13.53
CA VAL A 375 -17.53 11.86 12.89
C VAL A 375 -17.10 12.15 11.44
N PHE A 376 -17.89 12.96 10.73
CA PHE A 376 -17.56 13.28 9.35
C PHE A 376 -16.26 14.07 9.27
N ASN A 377 -16.06 15.05 10.15
CA ASN A 377 -14.83 15.82 10.16
C ASN A 377 -13.62 14.94 10.45
N ASP A 378 -13.74 14.03 11.43
CA ASP A 378 -12.64 13.15 11.74
C ASP A 378 -12.33 12.18 10.61
N CYS A 379 -13.36 11.66 9.93
CA CYS A 379 -13.12 10.81 8.78
C CYS A 379 -12.43 11.56 7.65
N ARG A 380 -12.83 12.82 7.41
CA ARG A 380 -12.14 13.63 6.42
C ARG A 380 -10.68 13.83 6.80
N ASP A 381 -10.42 14.08 8.08
CA ASP A 381 -9.04 14.22 8.55
C ASP A 381 -8.24 12.94 8.32
N ILE A 382 -8.85 11.79 8.60
CA ILE A 382 -8.17 10.52 8.40
C ILE A 382 -7.83 10.32 6.92
N ILE A 383 -8.78 10.61 6.04
CA ILE A 383 -8.54 10.46 4.61
C ILE A 383 -7.43 11.40 4.14
N GLN A 384 -7.45 12.65 4.61
CA GLN A 384 -6.41 13.60 4.23
C GLN A 384 -5.04 13.15 4.71
N ARG A 385 -4.97 12.60 5.90
CA ARG A 385 -3.70 12.17 6.42
C ARG A 385 -3.21 10.97 5.66
N MET A 386 -4.10 10.05 5.30
CA MET A 386 -3.69 8.91 4.49
C MET A 386 -3.15 9.37 3.14
N HIS A 387 -3.83 10.33 2.50
CA HIS A 387 -3.36 10.83 1.22
C HIS A 387 -1.99 11.50 1.34
N LEU A 388 -1.79 12.28 2.40
CA LEU A 388 -0.49 12.91 2.61
C LEU A 388 0.60 11.88 2.90
N ARG A 389 0.26 10.83 3.65
CA ARG A 389 1.24 9.77 3.90
C ARG A 389 1.61 9.03 2.62
N GLN A 390 0.65 8.85 1.71
CA GLN A 390 0.95 8.20 0.43
C GLN A 390 1.99 8.99 -0.36
N TYR A 391 1.99 10.31 -0.22
CA TYR A 391 2.93 11.17 -0.93
C TYR A 391 4.22 11.41 -0.14
N GLU A 392 4.44 10.67 0.94
CA GLU A 392 5.66 10.75 1.74
C GLU A 392 5.86 12.14 2.33
N LEU A 393 4.77 12.85 2.62
CA LEU A 393 4.88 14.15 3.27
C LEU A 393 5.03 14.00 4.78
N LEU A 394 4.04 13.39 5.43
CA LEU A 394 4.13 13.13 6.86
C LEU A 394 3.87 11.65 7.16
N HIS B 1 9.85 29.18 -19.28
CA HIS B 1 10.61 28.95 -20.49
C HIS B 1 11.86 29.79 -20.43
N DSN B 2 12.89 29.20 -19.71
CA DSN B 2 14.23 29.76 -19.47
C DSN B 2 15.11 29.16 -20.58
O DSN B 2 16.09 29.75 -21.05
CB DSN B 2 14.23 31.26 -19.40
OG DSN B 2 15.56 31.73 -19.59
N GLN B 3 14.89 27.88 -20.83
CA GLN B 3 15.77 27.07 -21.65
C GLN B 3 15.57 27.62 -23.02
N GLY B 4 14.35 28.02 -23.31
CA GLY B 4 14.09 28.63 -24.59
C GLY B 4 14.85 29.93 -24.76
N THR B 5 14.93 30.72 -23.70
CA THR B 5 15.66 31.97 -23.78
C THR B 5 17.14 31.70 -24.02
N PHE B 6 17.68 30.68 -23.36
CA PHE B 6 19.10 30.39 -23.52
C PHE B 6 19.38 29.99 -24.95
N THR B 7 18.58 29.09 -25.49
CA THR B 7 18.86 28.61 -26.83
C THR B 7 18.65 29.72 -27.82
N SER B 8 17.72 30.62 -27.57
CA SER B 8 17.57 31.76 -28.46
C SER B 8 18.83 32.58 -28.44
N ASP B 9 19.36 32.83 -27.26
CA ASP B 9 20.55 33.65 -27.16
C ASP B 9 21.76 32.99 -27.79
N LEU B 10 21.89 31.68 -27.63
CA LEU B 10 23.01 30.98 -28.22
C LEU B 10 22.87 30.89 -29.71
N SER B 11 21.63 30.90 -30.20
CA SER B 11 21.44 30.86 -31.62
C SER B 11 21.93 32.16 -32.18
N LYS B 12 21.61 33.26 -31.52
CA LYS B 12 22.11 34.54 -31.97
C LYS B 12 23.62 34.52 -31.96
N GLN B 13 24.20 33.89 -30.96
CA GLN B 13 25.65 33.79 -30.89
C GLN B 13 26.25 33.01 -32.04
N LYS B 14 25.92 31.73 -32.22
CA LYS B 14 26.61 31.00 -33.27
C LYS B 14 26.43 31.65 -34.62
N GLU B 15 25.33 32.38 -34.78
CA GLU B 15 25.07 33.05 -36.04
C GLU B 15 25.96 34.24 -36.24
N SER B 16 25.99 35.15 -35.27
CA SER B 16 26.77 36.35 -35.44
C SER B 16 28.25 35.98 -35.48
N LYS B 17 28.61 34.91 -34.80
CA LYS B 17 30.02 34.52 -34.78
C LYS B 17 30.35 34.01 -36.16
N ALA B 18 29.41 33.32 -36.78
CA ALA B 18 29.62 32.80 -38.12
C ALA B 18 29.58 33.89 -39.14
N ALA B 19 28.98 35.02 -38.80
CA ALA B 19 28.88 36.11 -39.75
C ALA B 19 30.25 36.73 -39.88
N GLN B 20 30.90 36.95 -38.75
CA GLN B 20 32.21 37.55 -38.78
C GLN B 20 33.18 36.56 -39.38
N ASP B 21 32.99 35.29 -39.07
CA ASP B 21 33.88 34.25 -39.57
C ASP B 21 33.75 34.23 -41.07
N PHE B 22 32.53 34.37 -41.56
CA PHE B 22 32.30 34.33 -43.01
C PHE B 22 33.00 35.51 -43.63
N ILE B 23 32.80 36.68 -43.04
CA ILE B 23 33.36 37.91 -43.60
C ILE B 23 34.87 37.84 -43.62
N GLU B 24 35.45 37.11 -42.69
CA GLU B 24 36.90 37.04 -42.63
C GLU B 24 37.43 36.24 -43.80
N TRP B 25 36.72 35.19 -44.17
CA TRP B 25 37.14 34.44 -45.35
C TRP B 25 37.01 35.36 -46.55
N LEU B 26 35.89 36.08 -46.64
CA LEU B 26 35.69 36.97 -47.78
C LEU B 26 36.81 37.99 -47.86
N LYS B 27 37.22 38.54 -46.72
CA LYS B 27 38.32 39.50 -46.70
C LYS B 27 39.57 38.88 -47.26
N ALA B 28 39.87 37.66 -46.82
CA ALA B 28 41.06 36.97 -47.32
C ALA B 28 40.80 36.39 -48.70
N GLY B 29 40.31 35.15 -48.74
CA GLY B 29 39.99 34.54 -50.02
C GLY B 29 38.85 35.25 -50.73
N SER C 7 -20.91 -30.74 47.37
CA SER C 7 -19.56 -31.17 47.04
C SER C 7 -19.57 -32.07 45.82
N GLU C 8 -19.82 -31.47 44.66
CA GLU C 8 -19.86 -32.22 43.41
C GLU C 8 -18.83 -31.71 42.43
N LEU C 9 -18.82 -30.40 42.19
CA LEU C 9 -17.89 -29.78 41.26
C LEU C 9 -16.45 -30.15 41.61
N ASP C 10 -16.11 -29.99 42.89
CA ASP C 10 -14.79 -30.30 43.40
C ASP C 10 -14.34 -31.69 42.98
N GLN C 11 -15.19 -32.69 43.21
CA GLN C 11 -14.86 -34.05 42.85
C GLN C 11 -15.07 -34.31 41.37
N LEU C 12 -15.92 -33.53 40.73
CA LEU C 12 -16.17 -33.74 39.31
C LEU C 12 -14.90 -33.56 38.51
N ARG C 13 -14.12 -32.53 38.82
CA ARG C 13 -12.87 -32.26 38.14
C ARG C 13 -11.95 -33.50 38.15
N GLN C 14 -11.82 -34.14 39.32
CA GLN C 14 -11.02 -35.34 39.46
C GLN C 14 -11.33 -36.40 38.41
N GLU C 15 -12.63 -36.67 38.20
CA GLU C 15 -13.08 -37.64 37.22
C GLU C 15 -12.44 -37.38 35.88
N ALA C 16 -12.58 -36.14 35.42
CA ALA C 16 -11.99 -35.73 34.17
C ALA C 16 -10.50 -35.97 34.25
N GLU C 17 -9.88 -35.46 35.30
CA GLU C 17 -8.45 -35.62 35.51
C GLU C 17 -8.03 -37.08 35.43
N GLN C 18 -8.74 -37.93 36.14
CA GLN C 18 -8.45 -39.36 36.15
C GLN C 18 -8.50 -39.86 34.72
N LEU C 19 -9.64 -39.65 34.08
CA LEU C 19 -9.81 -40.08 32.70
C LEU C 19 -8.74 -39.48 31.80
N LYS C 20 -8.42 -38.21 31.97
CA LYS C 20 -7.41 -37.57 31.15
C LYS C 20 -6.13 -38.35 31.21
N ASN C 21 -5.70 -38.69 32.42
CA ASN C 21 -4.45 -39.41 32.58
C ASN C 21 -4.53 -40.80 31.98
N GLN C 22 -5.70 -41.42 32.06
CA GLN C 22 -5.87 -42.74 31.48
C GLN C 22 -5.76 -42.69 29.98
N ILE C 23 -6.42 -41.72 29.37
CA ILE C 23 -6.37 -41.59 27.92
C ILE C 23 -4.98 -41.17 27.51
N ARG C 24 -4.33 -40.33 28.31
CA ARG C 24 -2.97 -39.93 28.01
C ARG C 24 -2.11 -41.16 27.96
N ASP C 25 -2.23 -41.99 28.99
CA ASP C 25 -1.45 -43.21 29.04
C ASP C 25 -1.70 -44.06 27.81
N ALA C 26 -2.96 -44.32 27.48
CA ALA C 26 -3.28 -45.18 26.34
C ALA C 26 -2.63 -44.73 25.05
N ARG C 27 -2.74 -43.45 24.73
CA ARG C 27 -2.19 -42.97 23.47
C ARG C 27 -0.68 -42.87 23.46
N LYS C 28 -0.06 -42.74 24.64
CA LYS C 28 1.39 -42.68 24.69
C LYS C 28 1.98 -44.06 24.85
N ALA C 29 1.14 -45.02 25.22
CA ALA C 29 1.62 -46.38 25.33
C ALA C 29 1.80 -46.92 23.96
N CYS C 30 0.79 -46.72 23.10
CA CYS C 30 0.83 -47.24 21.74
C CYS C 30 1.79 -46.44 20.89
N ALA C 31 2.37 -45.39 21.46
CA ALA C 31 3.33 -44.56 20.76
C ALA C 31 4.72 -45.16 20.86
N ASP C 32 4.99 -46.17 20.04
CA ASP C 32 6.29 -46.82 20.02
C ASP C 32 7.23 -46.01 19.17
N ALA C 33 6.96 -45.96 17.88
CA ALA C 33 7.83 -45.24 16.96
C ALA C 33 7.30 -43.86 16.62
N THR C 34 8.00 -43.17 15.72
CA THR C 34 7.54 -41.87 15.28
C THR C 34 7.00 -42.06 13.90
N LEU C 35 7.20 -41.10 13.03
CA LEU C 35 6.78 -41.27 11.65
C LEU C 35 8.05 -41.10 10.87
N SER C 36 8.83 -40.10 11.27
CA SER C 36 10.08 -39.85 10.58
C SER C 36 10.84 -41.13 10.40
N GLN C 37 11.09 -41.83 11.50
CA GLN C 37 11.83 -43.06 11.42
C GLN C 37 11.25 -43.93 10.35
N ILE C 38 9.96 -44.24 10.45
CA ILE C 38 9.34 -45.13 9.49
C ILE C 38 9.37 -44.60 8.07
N THR C 39 9.93 -43.43 7.87
CA THR C 39 9.94 -42.82 6.54
C THR C 39 11.33 -42.41 6.11
N ASN C 40 12.27 -42.42 7.04
CA ASN C 40 13.62 -41.96 6.71
C ASN C 40 14.08 -42.63 5.45
N ASN C 41 13.61 -43.85 5.23
CA ASN C 41 14.02 -44.60 4.07
C ASN C 41 13.49 -44.06 2.74
N ILE C 42 12.34 -43.40 2.77
CA ILE C 42 11.75 -42.96 1.50
C ILE C 42 12.60 -41.93 0.77
N ASP C 43 12.53 -41.93 -0.56
CA ASP C 43 13.27 -40.89 -1.28
C ASP C 43 12.56 -39.55 -1.10
N PRO C 44 13.24 -38.50 -0.66
CA PRO C 44 12.59 -37.20 -0.51
C PRO C 44 12.18 -36.61 -1.86
N VAL C 45 11.14 -35.79 -1.82
CA VAL C 45 10.59 -35.21 -3.04
C VAL C 45 11.56 -34.24 -3.70
N GLY C 46 12.52 -33.71 -2.97
CA GLY C 46 13.49 -32.80 -3.57
C GLY C 46 12.90 -31.41 -3.80
N ARG C 47 13.58 -30.65 -4.66
CA ARG C 47 13.17 -29.28 -4.94
C ARG C 47 11.92 -29.27 -5.82
N ILE C 48 10.95 -28.45 -5.46
CA ILE C 48 9.71 -28.30 -6.21
C ILE C 48 9.52 -26.81 -6.49
N GLN C 49 9.32 -26.48 -7.77
CA GLN C 49 9.16 -25.09 -8.21
C GLN C 49 7.77 -24.91 -8.79
N MET C 50 7.11 -23.82 -8.41
CA MET C 50 5.78 -23.49 -8.89
C MET C 50 5.76 -22.06 -9.41
N ARG C 51 4.81 -21.79 -10.30
CA ARG C 51 4.69 -20.46 -10.85
C ARG C 51 3.22 -20.15 -10.97
N THR C 52 2.89 -18.88 -10.88
CA THR C 52 1.51 -18.50 -10.99
C THR C 52 1.12 -18.60 -12.43
N ARG C 53 0.16 -19.46 -12.72
CA ARG C 53 -0.28 -19.65 -14.09
C ARG C 53 -1.33 -18.64 -14.49
N ARG C 54 -2.34 -18.43 -13.65
CA ARG C 54 -3.37 -17.45 -13.95
C ARG C 54 -3.56 -16.43 -12.83
N THR C 55 -4.03 -15.23 -13.15
CA THR C 55 -4.31 -14.27 -12.08
C THR C 55 -5.74 -13.78 -12.25
N LEU C 56 -6.49 -13.80 -11.16
CA LEU C 56 -7.92 -13.48 -11.18
C LEU C 56 -8.13 -12.16 -10.44
N ARG C 57 -8.09 -11.06 -11.19
CA ARG C 57 -8.25 -9.72 -10.61
C ARG C 57 -9.67 -9.23 -10.91
N GLY C 58 -10.61 -9.62 -10.03
CA GLY C 58 -11.98 -9.20 -10.20
C GLY C 58 -12.62 -8.67 -8.92
N HIS C 59 -12.00 -8.92 -7.78
CA HIS C 59 -12.58 -8.52 -6.51
C HIS C 59 -12.11 -7.12 -6.13
N LEU C 60 -12.85 -6.49 -5.22
CA LEU C 60 -12.54 -5.15 -4.75
C LEU C 60 -11.93 -5.15 -3.36
N ALA C 61 -12.56 -5.81 -2.40
CA ALA C 61 -12.03 -5.94 -1.06
C ALA C 61 -11.22 -7.22 -0.95
N LYS C 62 -10.80 -7.56 0.27
CA LYS C 62 -9.98 -8.74 0.47
C LYS C 62 -10.79 -10.01 0.23
N ILE C 63 -10.12 -11.01 -0.34
CA ILE C 63 -10.70 -12.33 -0.53
C ILE C 63 -10.44 -13.16 0.72
N TYR C 64 -11.51 -13.72 1.29
CA TYR C 64 -11.36 -14.37 2.59
C TYR C 64 -11.60 -15.87 2.53
N ALA C 65 -12.23 -16.38 1.47
CA ALA C 65 -12.44 -17.81 1.32
C ALA C 65 -12.77 -18.13 -0.14
N MET C 66 -12.33 -19.30 -0.60
CA MET C 66 -12.68 -19.82 -1.90
C MET C 66 -12.92 -21.33 -1.80
N HIS C 67 -13.41 -21.91 -2.91
CA HIS C 67 -13.65 -23.35 -2.96
C HIS C 67 -13.61 -23.82 -4.41
N TRP C 68 -12.89 -24.91 -4.64
CA TRP C 68 -12.84 -25.53 -5.95
C TRP C 68 -14.09 -26.37 -6.21
N GLY C 69 -14.54 -26.38 -7.46
CA GLY C 69 -15.60 -27.27 -7.86
C GLY C 69 -15.10 -28.68 -8.12
N THR C 70 -16.05 -29.62 -8.22
CA THR C 70 -15.69 -31.00 -8.44
C THR C 70 -15.17 -31.27 -9.86
N ASP C 71 -15.46 -30.38 -10.81
CA ASP C 71 -14.90 -30.51 -12.15
C ASP C 71 -13.49 -29.97 -12.25
N SER C 72 -12.97 -29.36 -11.18
CA SER C 72 -11.64 -28.75 -11.16
C SER C 72 -11.49 -27.71 -12.25
N ARG C 73 -12.58 -27.05 -12.59
CA ARG C 73 -12.57 -26.00 -13.62
C ARG C 73 -13.18 -24.70 -13.14
N LEU C 74 -14.24 -24.76 -12.32
CA LEU C 74 -14.91 -23.58 -11.81
C LEU C 74 -14.69 -23.48 -10.31
N LEU C 75 -14.27 -22.31 -9.85
CA LEU C 75 -14.06 -22.06 -8.43
C LEU C 75 -14.83 -20.81 -8.02
N VAL C 76 -15.45 -20.84 -6.85
CA VAL C 76 -16.15 -19.69 -6.32
C VAL C 76 -15.28 -18.99 -5.29
N SER C 77 -15.40 -17.67 -5.22
CA SER C 77 -14.63 -16.88 -4.27
C SER C 77 -15.55 -15.89 -3.57
N ALA C 78 -15.22 -15.60 -2.31
CA ALA C 78 -16.00 -14.69 -1.49
C ALA C 78 -15.09 -13.59 -0.96
N SER C 79 -15.58 -12.35 -1.00
CA SER C 79 -14.82 -11.20 -0.53
C SER C 79 -15.71 -10.35 0.36
N GLN C 80 -15.08 -9.44 1.10
CA GLN C 80 -15.79 -8.58 2.04
C GLN C 80 -16.51 -7.42 1.37
N ASP C 81 -16.35 -7.25 0.06
CA ASP C 81 -17.08 -6.21 -0.66
C ASP C 81 -18.53 -6.58 -0.91
N GLY C 82 -18.93 -7.81 -0.62
CA GLY C 82 -20.28 -8.26 -0.83
C GLY C 82 -20.51 -9.05 -2.10
N LYS C 83 -19.46 -9.52 -2.76
CA LYS C 83 -19.57 -10.23 -4.03
C LYS C 83 -19.16 -11.69 -3.87
N LEU C 84 -19.79 -12.55 -4.67
CA LEU C 84 -19.50 -13.98 -4.70
C LEU C 84 -19.28 -14.34 -6.16
N ILE C 85 -18.03 -14.28 -6.61
CA ILE C 85 -17.69 -14.41 -8.02
C ILE C 85 -17.35 -15.87 -8.31
N ILE C 86 -17.96 -16.42 -9.36
CA ILE C 86 -17.65 -17.76 -9.82
C ILE C 86 -16.72 -17.63 -11.02
N TRP C 87 -15.46 -18.03 -10.83
CA TRP C 87 -14.43 -17.85 -11.84
C TRP C 87 -14.43 -19.03 -12.82
N ASP C 88 -13.45 -19.04 -13.71
CA ASP C 88 -13.20 -20.18 -14.59
C ASP C 88 -11.70 -20.36 -14.69
N SER C 89 -11.21 -21.50 -14.21
CA SER C 89 -9.77 -21.72 -14.15
C SER C 89 -9.12 -21.74 -15.53
N TYR C 90 -9.74 -22.40 -16.49
CA TYR C 90 -9.09 -22.58 -17.77
C TYR C 90 -9.05 -21.35 -18.65
N THR C 91 -10.03 -20.47 -18.54
CA THR C 91 -10.10 -19.34 -19.47
C THR C 91 -10.15 -17.98 -18.76
N THR C 92 -10.14 -17.94 -17.43
CA THR C 92 -10.16 -16.69 -16.67
C THR C 92 -11.34 -15.83 -17.08
N ASN C 93 -12.54 -16.39 -16.95
CA ASN C 93 -13.79 -15.71 -17.30
C ASN C 93 -14.77 -15.86 -16.16
N LYS C 94 -15.18 -14.74 -15.57
CA LYS C 94 -16.18 -14.78 -14.53
C LYS C 94 -17.53 -15.15 -15.12
N VAL C 95 -18.25 -16.05 -14.45
CA VAL C 95 -19.52 -16.56 -14.95
C VAL C 95 -20.71 -15.94 -14.21
N HIS C 96 -20.63 -15.85 -12.88
CA HIS C 96 -21.66 -15.18 -12.10
C HIS C 96 -21.01 -14.33 -11.02
N ALA C 97 -21.17 -13.01 -11.11
CA ALA C 97 -20.77 -12.11 -10.04
C ALA C 97 -22.01 -11.69 -9.25
N ILE C 98 -22.48 -12.63 -8.42
CA ILE C 98 -23.73 -12.44 -7.69
C ILE C 98 -23.51 -11.57 -6.47
N PRO C 99 -24.34 -10.55 -6.26
CA PRO C 99 -24.21 -9.72 -5.05
C PRO C 99 -24.74 -10.45 -3.82
N LEU C 100 -24.36 -9.93 -2.65
CA LEU C 100 -24.74 -10.52 -1.39
C LEU C 100 -25.32 -9.44 -0.48
N ARG C 101 -26.25 -9.85 0.38
CA ARG C 101 -26.86 -8.91 1.32
C ARG C 101 -25.85 -8.49 2.39
N SER C 102 -25.31 -9.45 3.12
CA SER C 102 -24.31 -9.16 4.14
C SER C 102 -22.94 -8.99 3.47
N SER C 103 -22.32 -7.83 3.69
CA SER C 103 -21.02 -7.58 3.08
C SER C 103 -19.91 -8.38 3.74
N TRP C 104 -20.07 -8.72 5.02
CA TRP C 104 -19.02 -9.40 5.78
C TRP C 104 -19.19 -10.92 5.67
N VAL C 105 -18.87 -11.42 4.47
CA VAL C 105 -18.91 -12.86 4.24
C VAL C 105 -17.61 -13.50 4.70
N MET C 106 -17.72 -14.58 5.46
CA MET C 106 -16.56 -15.28 5.99
C MET C 106 -16.34 -16.67 5.44
N THR C 107 -17.23 -17.18 4.60
CA THR C 107 -17.05 -18.52 4.06
C THR C 107 -17.85 -18.67 2.78
N CYS C 108 -17.47 -19.65 1.97
CA CYS C 108 -18.18 -20.01 0.76
C CYS C 108 -17.97 -21.49 0.48
N ALA C 109 -18.86 -22.07 -0.31
CA ALA C 109 -18.79 -23.49 -0.62
C ALA C 109 -19.38 -23.74 -2.00
N TYR C 110 -19.01 -24.86 -2.60
CA TYR C 110 -19.47 -25.25 -3.92
C TYR C 110 -20.06 -26.65 -3.81
N ALA C 111 -21.27 -26.83 -4.33
CA ALA C 111 -21.94 -28.11 -4.21
C ALA C 111 -21.21 -29.18 -5.02
N PRO C 112 -21.22 -30.44 -4.56
CA PRO C 112 -20.56 -31.50 -5.32
C PRO C 112 -21.13 -31.71 -6.71
N SER C 113 -22.42 -31.42 -6.93
CA SER C 113 -23.03 -31.56 -8.23
C SER C 113 -22.90 -30.30 -9.08
N GLY C 114 -22.29 -29.25 -8.55
CA GLY C 114 -22.17 -28.01 -9.29
C GLY C 114 -23.46 -27.25 -9.47
N ASN C 115 -24.46 -27.53 -8.63
CA ASN C 115 -25.77 -26.91 -8.76
C ASN C 115 -25.98 -25.74 -7.81
N TYR C 116 -25.33 -25.74 -6.64
CA TYR C 116 -25.57 -24.75 -5.62
C TYR C 116 -24.24 -24.22 -5.07
N VAL C 117 -24.29 -22.99 -4.55
CA VAL C 117 -23.20 -22.42 -3.78
C VAL C 117 -23.79 -21.82 -2.51
N ALA C 118 -22.95 -21.72 -1.49
CA ALA C 118 -23.39 -21.19 -0.21
C ALA C 118 -22.36 -20.19 0.30
N CYS C 119 -22.84 -19.20 1.04
CA CYS C 119 -22.00 -18.19 1.68
C CYS C 119 -22.36 -18.09 3.16
N GLY C 120 -21.77 -17.13 3.84
CA GLY C 120 -22.06 -16.91 5.24
C GLY C 120 -20.99 -16.11 5.96
N GLY C 121 -21.42 -15.22 6.85
CA GLY C 121 -20.47 -14.40 7.60
C GLY C 121 -21.00 -13.96 8.95
N LEU C 122 -20.81 -12.67 9.26
CA LEU C 122 -21.25 -12.10 10.52
C LEU C 122 -22.77 -11.97 10.62
N ASP C 123 -23.49 -12.18 9.52
CA ASP C 123 -24.94 -12.07 9.51
C ASP C 123 -25.62 -13.25 10.18
N ASN C 124 -24.86 -14.26 10.60
CA ASN C 124 -25.33 -15.45 11.30
C ASN C 124 -26.22 -16.32 10.42
N ILE C 125 -26.19 -16.12 9.11
CA ILE C 125 -27.11 -16.78 8.18
C ILE C 125 -26.27 -17.48 7.11
N CYS C 126 -26.58 -18.75 6.84
CA CYS C 126 -25.94 -19.50 5.77
C CYS C 126 -26.83 -19.41 4.53
N SER C 127 -26.56 -18.41 3.69
CA SER C 127 -27.34 -18.22 2.48
C SER C 127 -26.90 -19.22 1.42
N ILE C 128 -27.86 -19.93 0.84
CA ILE C 128 -27.59 -20.95 -0.17
C ILE C 128 -28.19 -20.47 -1.49
N TYR C 129 -27.37 -20.47 -2.54
CA TYR C 129 -27.77 -19.94 -3.84
C TYR C 129 -27.94 -21.08 -4.84
N ASN C 130 -28.91 -20.92 -5.73
CA ASN C 130 -29.21 -21.90 -6.77
C ASN C 130 -28.71 -21.37 -8.12
N LEU C 131 -27.95 -22.20 -8.83
CA LEU C 131 -27.37 -21.80 -10.10
C LEU C 131 -28.12 -22.30 -11.31
N LYS C 132 -29.08 -23.22 -11.13
CA LYS C 132 -29.80 -23.82 -12.25
C LYS C 132 -31.20 -23.24 -12.41
N THR C 133 -31.32 -21.94 -12.15
CA THR C 133 -32.60 -21.27 -12.26
C THR C 133 -33.07 -21.28 -13.68
N ARG C 134 -34.33 -21.64 -13.88
CA ARG C 134 -34.89 -21.65 -15.22
C ARG C 134 -34.96 -20.23 -15.73
N GLU C 135 -35.20 -19.27 -14.83
CA GLU C 135 -35.23 -17.86 -15.23
C GLU C 135 -33.89 -17.45 -15.80
N GLY C 136 -32.81 -17.96 -15.24
CA GLY C 136 -31.50 -17.63 -15.73
C GLY C 136 -30.71 -16.96 -14.64
N ASN C 137 -31.19 -15.80 -14.19
CA ASN C 137 -30.50 -15.09 -13.14
C ASN C 137 -30.55 -15.89 -11.85
N VAL C 138 -29.45 -15.89 -11.12
CA VAL C 138 -29.35 -16.71 -9.93
C VAL C 138 -29.73 -15.99 -8.65
N ARG C 139 -30.69 -16.50 -7.88
CA ARG C 139 -30.99 -15.85 -6.63
C ARG C 139 -30.87 -16.86 -5.49
N VAL C 140 -31.04 -16.38 -4.27
CA VAL C 140 -30.96 -17.23 -3.09
C VAL C 140 -32.22 -18.08 -2.99
N SER C 141 -32.04 -19.36 -2.67
CA SER C 141 -33.15 -20.30 -2.55
C SER C 141 -33.62 -20.47 -1.11
N ARG C 142 -32.71 -20.84 -0.21
CA ARG C 142 -33.03 -21.05 1.18
C ARG C 142 -32.10 -20.23 2.06
N GLU C 143 -32.64 -19.67 3.14
CA GLU C 143 -31.88 -18.87 4.09
C GLU C 143 -31.90 -19.57 5.44
N LEU C 144 -30.79 -20.22 5.79
CA LEU C 144 -30.69 -20.93 7.05
C LEU C 144 -30.22 -19.98 8.14
N ALA C 145 -30.96 -19.92 9.24
CA ALA C 145 -30.65 -19.02 10.35
C ALA C 145 -30.99 -19.72 11.66
N GLY C 146 -29.98 -20.34 12.28
CA GLY C 146 -30.20 -21.00 13.55
C GLY C 146 -29.01 -20.89 14.50
N HIS C 147 -28.01 -20.12 14.12
CA HIS C 147 -26.82 -19.92 14.94
C HIS C 147 -26.85 -18.54 15.59
N THR C 148 -26.12 -18.42 16.71
CA THR C 148 -25.97 -17.16 17.41
C THR C 148 -24.64 -16.49 17.11
N GLY C 149 -23.55 -17.25 17.12
CA GLY C 149 -22.27 -16.73 16.70
C GLY C 149 -22.13 -16.75 15.19
N TYR C 150 -21.04 -16.14 14.71
CA TYR C 150 -20.84 -15.95 13.29
C TYR C 150 -20.62 -17.28 12.59
N LEU C 151 -20.77 -17.26 11.27
CA LEU C 151 -20.55 -18.43 10.43
C LEU C 151 -19.12 -18.41 9.93
N SER C 152 -18.40 -19.50 10.11
CA SER C 152 -16.98 -19.55 9.79
C SER C 152 -16.64 -20.47 8.62
N CYS C 153 -17.36 -21.58 8.46
CA CYS C 153 -17.09 -22.48 7.35
C CYS C 153 -18.29 -23.38 7.14
N CYS C 154 -18.66 -23.59 5.87
CA CYS C 154 -19.78 -24.45 5.50
C CYS C 154 -19.37 -25.34 4.35
N ARG C 155 -19.81 -26.59 4.37
CA ARG C 155 -19.50 -27.57 3.34
C ARG C 155 -20.73 -28.38 3.00
N PHE C 156 -20.98 -28.59 1.71
CA PHE C 156 -22.09 -29.41 1.25
C PHE C 156 -21.76 -30.89 1.38
N LEU C 157 -22.73 -31.67 1.84
CA LEU C 157 -22.69 -33.12 1.69
C LEU C 157 -23.29 -33.56 0.36
N ASP C 158 -24.48 -33.08 0.04
CA ASP C 158 -25.13 -33.31 -1.24
C ASP C 158 -26.01 -32.11 -1.53
N ASP C 159 -26.92 -32.25 -2.49
CA ASP C 159 -27.84 -31.17 -2.85
C ASP C 159 -29.00 -31.03 -1.87
N ASN C 160 -28.97 -31.72 -0.73
CA ASN C 160 -30.07 -31.70 0.21
C ASN C 160 -29.70 -31.30 1.63
N GLN C 161 -28.48 -31.58 2.09
CA GLN C 161 -28.09 -31.28 3.46
C GLN C 161 -26.69 -30.68 3.47
N ILE C 162 -26.49 -29.69 4.34
CA ILE C 162 -25.23 -28.96 4.45
C ILE C 162 -24.87 -28.85 5.93
N VAL C 163 -23.58 -29.00 6.23
CA VAL C 163 -23.06 -28.85 7.59
C VAL C 163 -22.31 -27.53 7.68
N THR C 164 -22.56 -26.79 8.76
CA THR C 164 -21.97 -25.48 8.96
C THR C 164 -21.32 -25.37 10.33
N SER C 165 -20.16 -24.72 10.38
CA SER C 165 -19.53 -24.36 11.64
C SER C 165 -20.02 -22.99 12.08
N SER C 166 -19.83 -22.67 13.35
CA SER C 166 -20.34 -21.41 13.88
C SER C 166 -19.40 -20.92 14.99
N GLY C 167 -19.54 -19.64 15.30
CA GLY C 167 -18.75 -19.03 16.35
C GLY C 167 -19.35 -19.20 17.73
N ASP C 168 -20.47 -19.90 17.82
CA ASP C 168 -21.13 -20.16 19.10
C ASP C 168 -20.76 -21.54 19.64
N THR C 169 -19.60 -22.05 19.26
CA THR C 169 -19.02 -23.33 19.68
C THR C 169 -19.86 -24.53 19.28
N THR C 170 -20.81 -24.38 18.36
CA THR C 170 -21.73 -25.46 17.99
C THR C 170 -21.74 -25.60 16.47
N CYS C 171 -21.30 -26.75 15.98
CA CYS C 171 -21.52 -27.11 14.58
C CYS C 171 -22.88 -27.79 14.44
N ALA C 172 -23.50 -27.60 13.27
CA ALA C 172 -24.84 -28.12 13.02
C ALA C 172 -24.94 -28.69 11.62
N LEU C 173 -25.88 -29.62 11.45
CA LEU C 173 -26.19 -30.22 10.16
C LEU C 173 -27.58 -29.72 9.74
N TRP C 174 -27.65 -29.10 8.58
CA TRP C 174 -28.88 -28.47 8.10
C TRP C 174 -29.58 -29.35 7.07
N ASP C 175 -30.85 -29.05 6.86
CA ASP C 175 -31.66 -29.69 5.82
C ASP C 175 -32.28 -28.59 4.96
N ILE C 176 -31.88 -28.54 3.70
CA ILE C 176 -32.31 -27.46 2.82
C ILE C 176 -33.80 -27.54 2.56
N GLU C 177 -34.33 -28.75 2.38
CA GLU C 177 -35.75 -28.89 2.09
C GLU C 177 -36.62 -28.38 3.23
N THR C 178 -36.26 -28.70 4.46
CA THR C 178 -37.05 -28.23 5.61
C THR C 178 -36.60 -26.83 6.04
N GLY C 179 -35.33 -26.69 6.37
CA GLY C 179 -34.81 -25.39 6.78
C GLY C 179 -34.51 -25.29 8.26
N GLN C 180 -34.32 -26.45 8.91
CA GLN C 180 -34.03 -26.49 10.33
C GLN C 180 -32.87 -27.44 10.56
N GLN C 181 -32.18 -27.25 11.69
CA GLN C 181 -31.03 -28.09 12.02
C GLN C 181 -31.49 -29.50 12.33
N THR C 182 -30.85 -30.49 11.69
CA THR C 182 -31.15 -31.87 11.99
C THR C 182 -30.51 -32.30 13.31
N THR C 183 -29.20 -32.13 13.41
CA THR C 183 -28.45 -32.43 14.62
C THR C 183 -27.71 -31.18 15.09
N THR C 184 -27.07 -31.28 16.25
CA THR C 184 -26.28 -30.19 16.80
C THR C 184 -25.07 -30.77 17.50
N PHE C 185 -23.87 -30.39 17.03
CA PHE C 185 -22.63 -30.97 17.54
C PHE C 185 -22.03 -30.09 18.63
N THR C 186 -22.71 -30.12 19.78
CA THR C 186 -22.26 -29.38 20.95
C THR C 186 -21.10 -30.10 21.63
N GLY C 187 -20.22 -29.32 22.25
CA GLY C 187 -19.10 -29.89 22.97
C GLY C 187 -17.84 -29.06 22.93
N HIS C 188 -17.74 -28.16 21.95
CA HIS C 188 -16.60 -27.28 21.86
C HIS C 188 -16.72 -26.14 22.87
N THR C 189 -15.57 -25.61 23.31
CA THR C 189 -15.57 -24.51 24.28
C THR C 189 -15.27 -23.17 23.66
N GLY C 190 -14.39 -23.12 22.66
CA GLY C 190 -14.12 -21.89 21.96
C GLY C 190 -14.80 -21.85 20.59
N ASP C 191 -14.56 -20.75 19.89
CA ASP C 191 -15.15 -20.57 18.56
C ASP C 191 -14.63 -21.63 17.60
N VAL C 192 -15.50 -22.07 16.71
CA VAL C 192 -15.17 -23.10 15.71
C VAL C 192 -14.84 -22.39 14.41
N MET C 193 -13.65 -22.67 13.87
CA MET C 193 -13.15 -21.93 12.72
C MET C 193 -13.41 -22.65 11.39
N SER C 194 -12.95 -23.90 11.28
CA SER C 194 -13.06 -24.63 10.02
C SER C 194 -13.44 -26.08 10.28
N LEU C 195 -13.99 -26.70 9.24
CA LEU C 195 -14.29 -28.13 9.27
C LEU C 195 -14.10 -28.69 7.87
N SER C 196 -13.80 -29.98 7.79
CA SER C 196 -13.63 -30.67 6.52
C SER C 196 -14.42 -31.97 6.57
N LEU C 197 -14.87 -32.44 5.40
CA LEU C 197 -15.62 -33.67 5.31
C LEU C 197 -14.74 -34.80 4.77
N ALA C 198 -14.94 -36.00 5.32
CA ALA C 198 -14.21 -37.16 4.86
C ALA C 198 -14.65 -37.54 3.45
N PRO C 199 -13.80 -38.23 2.69
CA PRO C 199 -14.19 -38.63 1.33
C PRO C 199 -15.42 -39.52 1.28
N ASP C 200 -15.68 -40.31 2.32
CA ASP C 200 -16.87 -41.16 2.35
C ASP C 200 -18.09 -40.46 2.91
N THR C 201 -17.94 -39.21 3.36
CA THR C 201 -19.06 -38.38 3.83
C THR C 201 -19.87 -39.06 4.93
N ARG C 202 -19.19 -39.77 5.83
CA ARG C 202 -19.85 -40.40 6.96
C ARG C 202 -19.49 -39.75 8.29
N LEU C 203 -18.33 -39.08 8.36
CA LEU C 203 -17.89 -38.43 9.58
C LEU C 203 -16.96 -37.29 9.19
N PHE C 204 -16.80 -36.34 10.11
CA PHE C 204 -16.01 -35.16 9.80
C PHE C 204 -15.35 -34.63 11.06
N VAL C 205 -14.26 -33.89 10.88
CA VAL C 205 -13.55 -33.25 11.97
C VAL C 205 -13.84 -31.76 11.95
N SER C 206 -13.60 -31.10 13.08
CA SER C 206 -13.92 -29.69 13.22
C SER C 206 -12.99 -29.08 14.27
N GLY C 207 -12.05 -28.24 13.82
CA GLY C 207 -11.19 -27.53 14.73
C GLY C 207 -11.86 -26.29 15.30
N ALA C 208 -11.32 -25.83 16.43
CA ALA C 208 -11.92 -24.71 17.15
C ALA C 208 -10.83 -23.83 17.71
N CYS C 209 -11.20 -22.92 18.61
CA CYS C 209 -10.29 -21.98 19.23
C CYS C 209 -9.91 -22.40 20.65
N ASP C 210 -9.76 -23.70 20.88
CA ASP C 210 -9.30 -24.21 22.17
C ASP C 210 -8.20 -25.26 21.99
N ALA C 211 -7.51 -25.21 20.85
CA ALA C 211 -6.43 -26.16 20.56
C ALA C 211 -6.94 -27.59 20.56
N SER C 212 -8.14 -27.80 20.07
CA SER C 212 -8.75 -29.12 20.03
C SER C 212 -9.45 -29.30 18.68
N ALA C 213 -9.27 -30.48 18.09
CA ALA C 213 -9.90 -30.83 16.82
C ALA C 213 -10.79 -32.04 17.07
N LYS C 214 -12.05 -31.78 17.40
CA LYS C 214 -12.99 -32.86 17.71
C LYS C 214 -13.48 -33.53 16.44
N LEU C 215 -13.52 -34.86 16.47
CA LEU C 215 -14.05 -35.64 15.36
C LEU C 215 -15.48 -36.07 15.69
N TRP C 216 -16.39 -35.80 14.76
CA TRP C 216 -17.82 -36.05 14.97
C TRP C 216 -18.29 -37.19 14.08
N ASP C 217 -19.54 -37.60 14.29
CA ASP C 217 -20.18 -38.62 13.47
C ASP C 217 -21.56 -38.10 13.12
N VAL C 218 -21.76 -37.76 11.84
CA VAL C 218 -23.00 -37.13 11.41
C VAL C 218 -24.20 -38.05 11.60
N ARG C 219 -24.00 -39.37 11.53
CA ARG C 219 -25.12 -40.29 11.72
C ARG C 219 -25.61 -40.30 13.16
N GLU C 220 -24.68 -40.39 14.12
CA GLU C 220 -25.05 -40.44 15.53
C GLU C 220 -25.17 -39.04 16.14
N GLY C 221 -24.61 -38.02 15.50
CA GLY C 221 -24.68 -36.67 16.04
C GLY C 221 -23.97 -36.48 17.36
N MET C 222 -22.82 -37.12 17.55
CA MET C 222 -22.05 -37.02 18.78
C MET C 222 -20.57 -36.97 18.45
N CYS C 223 -19.75 -36.72 19.46
CA CYS C 223 -18.31 -36.63 19.30
C CYS C 223 -17.67 -37.98 19.64
N ARG C 224 -16.83 -38.46 18.74
CA ARG C 224 -16.20 -39.77 18.87
C ARG C 224 -14.77 -39.67 19.38
N GLN C 225 -13.96 -38.79 18.81
CA GLN C 225 -12.57 -38.62 19.21
C GLN C 225 -12.23 -37.14 19.33
N THR C 226 -11.48 -36.80 20.36
CA THR C 226 -11.02 -35.43 20.58
C THR C 226 -9.50 -35.43 20.61
N PHE C 227 -8.89 -34.62 19.74
CA PHE C 227 -7.44 -34.60 19.63
C PHE C 227 -6.90 -33.28 20.12
N THR C 228 -6.00 -33.32 21.08
CA THR C 228 -5.39 -32.11 21.55
C THR C 228 -3.93 -32.20 21.22
N GLY C 229 -3.28 -31.05 21.07
CA GLY C 229 -1.88 -31.07 20.72
C GLY C 229 -1.34 -29.69 20.41
N HIS C 230 -2.18 -28.85 19.82
CA HIS C 230 -1.73 -27.52 19.48
C HIS C 230 -1.70 -26.70 20.74
N GLU C 231 -1.01 -25.58 20.70
CA GLU C 231 -0.92 -24.75 21.89
C GLU C 231 -1.55 -23.40 21.65
N SER C 232 -2.46 -23.31 20.69
CA SER C 232 -3.15 -22.08 20.46
C SER C 232 -4.34 -22.43 19.61
N ASP C 233 -5.17 -21.47 19.29
CA ASP C 233 -6.40 -21.68 18.53
C ASP C 233 -6.11 -22.19 17.13
N ILE C 234 -6.99 -23.05 16.63
CA ILE C 234 -6.80 -23.73 15.35
C ILE C 234 -7.55 -22.95 14.27
N ASN C 235 -6.88 -22.70 13.14
CA ASN C 235 -7.47 -21.89 12.09
C ASN C 235 -8.10 -22.74 11.00
N ALA C 236 -7.38 -23.74 10.50
CA ALA C 236 -7.87 -24.52 9.37
C ALA C 236 -7.44 -25.97 9.49
N ILE C 237 -8.24 -26.87 8.93
CA ILE C 237 -7.98 -28.30 8.92
C ILE C 237 -8.40 -28.87 7.57
N CYS C 238 -7.98 -30.11 7.32
CA CYS C 238 -8.33 -30.83 6.10
C CYS C 238 -7.90 -32.28 6.24
N PHE C 239 -8.71 -33.19 5.70
CA PHE C 239 -8.39 -34.61 5.73
C PHE C 239 -7.29 -34.98 4.74
N PHE C 240 -6.60 -36.06 5.07
CA PHE C 240 -5.75 -36.81 4.16
C PHE C 240 -6.61 -37.51 3.13
N PRO C 241 -6.10 -37.73 1.91
CA PRO C 241 -6.94 -38.32 0.85
C PRO C 241 -7.53 -39.68 1.20
N ASN C 242 -6.91 -40.47 2.07
CA ASN C 242 -7.45 -41.78 2.43
C ASN C 242 -8.55 -41.71 3.47
N GLY C 243 -8.70 -40.59 4.16
CA GLY C 243 -9.72 -40.43 5.19
C GLY C 243 -9.31 -40.92 6.56
N ASN C 244 -8.11 -41.48 6.72
CA ASN C 244 -7.64 -41.99 8.00
C ASN C 244 -6.76 -40.99 8.74
N ALA C 245 -6.60 -39.77 8.22
CA ALA C 245 -5.75 -38.78 8.85
C ALA C 245 -6.19 -37.39 8.40
N PHE C 246 -5.73 -36.39 9.14
CA PHE C 246 -6.03 -35.01 8.79
C PHE C 246 -5.01 -34.10 9.46
N ALA C 247 -4.74 -32.96 8.81
CA ALA C 247 -3.79 -31.98 9.32
C ALA C 247 -4.52 -30.78 9.88
N THR C 248 -3.90 -30.12 10.85
CA THR C 248 -4.49 -28.97 11.51
C THR C 248 -3.46 -27.85 11.54
N GLY C 249 -3.83 -26.68 11.03
CA GLY C 249 -2.97 -25.51 11.08
C GLY C 249 -3.45 -24.49 12.09
N SER C 250 -2.67 -24.29 13.14
CA SER C 250 -3.03 -23.39 14.22
C SER C 250 -2.24 -22.08 14.13
N ASP C 251 -2.43 -21.22 15.11
CA ASP C 251 -1.82 -19.89 15.11
C ASP C 251 -0.48 -19.88 15.85
N ASP C 252 -0.05 -21.02 16.34
CA ASP C 252 1.24 -21.13 16.99
C ASP C 252 2.36 -21.41 16.01
N ALA C 253 2.17 -21.14 14.72
CA ALA C 253 3.15 -21.36 13.67
C ALA C 253 3.54 -22.83 13.53
N THR C 254 2.60 -23.74 13.82
CA THR C 254 2.86 -25.17 13.71
C THR C 254 1.70 -25.84 12.99
N CYS C 255 2.03 -26.82 12.16
CA CYS C 255 1.05 -27.71 11.55
C CYS C 255 1.27 -29.13 12.05
N ARG C 256 0.18 -29.82 12.34
CA ARG C 256 0.28 -31.16 12.88
C ARG C 256 -0.64 -32.14 12.17
N LEU C 257 -0.14 -33.33 11.87
CA LEU C 257 -0.98 -34.36 11.26
C LEU C 257 -1.40 -35.27 12.36
N PHE C 258 -2.66 -35.68 12.35
CA PHE C 258 -3.19 -36.55 13.38
C PHE C 258 -3.68 -37.83 12.75
N ASP C 259 -4.04 -38.82 13.56
CA ASP C 259 -4.52 -40.10 13.05
C ASP C 259 -5.77 -40.49 13.81
N LEU C 260 -6.79 -40.93 13.07
CA LEU C 260 -8.08 -41.27 13.66
C LEU C 260 -8.10 -42.67 14.29
N ARG C 261 -7.06 -43.47 14.09
CA ARG C 261 -6.98 -44.80 14.67
C ARG C 261 -5.94 -44.91 15.76
N ALA C 262 -5.12 -43.88 15.95
CA ALA C 262 -4.09 -43.89 16.99
C ALA C 262 -4.38 -42.86 18.06
N ASP C 263 -5.28 -41.92 17.79
CA ASP C 263 -5.69 -40.91 18.76
C ASP C 263 -4.48 -40.11 19.27
N GLN C 264 -3.54 -39.85 18.37
CA GLN C 264 -2.31 -39.15 18.76
C GLN C 264 -1.70 -38.46 17.54
N GLU C 265 -1.06 -37.31 17.73
CA GLU C 265 -0.42 -36.61 16.61
C GLU C 265 0.79 -37.36 16.10
N LEU C 266 0.98 -37.35 14.79
CA LEU C 266 2.07 -38.10 14.21
C LEU C 266 3.25 -37.23 13.81
N MET C 267 3.00 -36.05 13.25
CA MET C 267 4.10 -35.22 12.79
C MET C 267 3.92 -33.75 13.09
N THR C 268 5.00 -33.06 13.42
CA THR C 268 4.92 -31.63 13.67
C THR C 268 5.67 -30.85 12.62
N TYR C 269 4.99 -29.99 11.92
CA TYR C 269 5.54 -29.18 10.82
C TYR C 269 5.93 -27.79 11.32
N SER C 270 6.91 -27.76 12.21
CA SER C 270 7.36 -26.52 12.84
C SER C 270 8.76 -26.17 12.36
N HIS C 271 9.00 -24.88 12.15
CA HIS C 271 10.31 -24.37 11.76
C HIS C 271 10.62 -23.12 12.57
N ASP C 272 11.91 -22.85 12.74
CA ASP C 272 12.36 -21.72 13.56
C ASP C 272 12.08 -20.37 12.90
N ASN C 273 12.26 -20.25 11.59
CA ASN C 273 12.10 -18.96 10.94
C ASN C 273 10.65 -18.49 10.93
N ILE C 274 9.70 -19.40 10.78
CA ILE C 274 8.29 -19.01 10.78
C ILE C 274 7.85 -18.72 12.20
N ILE C 275 7.22 -17.58 12.40
CA ILE C 275 6.81 -17.13 13.72
C ILE C 275 5.35 -16.72 13.69
N CYS C 276 4.74 -16.79 12.51
CA CYS C 276 3.36 -16.38 12.31
C CYS C 276 2.47 -17.60 12.14
N GLY C 277 1.19 -17.43 12.47
CA GLY C 277 0.26 -18.54 12.43
C GLY C 277 -0.15 -18.94 11.02
N ILE C 278 -0.75 -20.12 10.94
CA ILE C 278 -1.22 -20.65 9.66
C ILE C 278 -2.67 -20.29 9.46
N THR C 279 -3.01 -19.82 8.26
CA THR C 279 -4.38 -19.40 7.95
C THR C 279 -5.17 -20.48 7.23
N SER C 280 -4.55 -21.24 6.34
CA SER C 280 -5.24 -22.28 5.59
C SER C 280 -4.30 -23.45 5.35
N VAL C 281 -4.88 -24.62 5.10
CA VAL C 281 -4.12 -25.83 4.86
C VAL C 281 -4.94 -26.76 3.98
N SER C 282 -4.27 -27.48 3.08
CA SER C 282 -4.94 -28.44 2.22
C SER C 282 -3.92 -29.43 1.69
N PHE C 283 -4.34 -30.69 1.58
CA PHE C 283 -3.47 -31.74 1.08
C PHE C 283 -3.46 -31.75 -0.44
N SER C 284 -2.49 -32.47 -1.00
CA SER C 284 -2.40 -32.66 -2.45
C SER C 284 -3.23 -33.88 -2.84
N LYS C 285 -3.18 -34.26 -4.11
CA LYS C 285 -3.97 -35.39 -4.60
C LYS C 285 -3.47 -36.70 -3.98
N SER C 286 -2.17 -36.95 -4.04
CA SER C 286 -1.63 -38.19 -3.50
C SER C 286 -1.40 -38.11 -1.99
N GLY C 287 -1.47 -36.92 -1.41
CA GLY C 287 -1.20 -36.74 0.00
C GLY C 287 0.26 -36.62 0.36
N ARG C 288 1.16 -36.67 -0.62
CA ARG C 288 2.59 -36.55 -0.33
C ARG C 288 2.98 -35.12 -0.01
N LEU C 289 2.29 -34.14 -0.59
CA LEU C 289 2.59 -32.73 -0.40
C LEU C 289 1.49 -32.11 0.44
N LEU C 290 1.87 -31.45 1.53
CA LEU C 290 0.95 -30.69 2.36
C LEU C 290 1.17 -29.20 2.09
N LEU C 291 0.12 -28.51 1.67
CA LEU C 291 0.20 -27.09 1.36
C LEU C 291 -0.48 -26.31 2.46
N ALA C 292 0.24 -25.38 3.06
CA ALA C 292 -0.27 -24.54 4.14
C ALA C 292 -0.10 -23.07 3.81
N GLY C 293 -1.03 -22.25 4.28
CA GLY C 293 -0.97 -20.82 4.06
C GLY C 293 -0.63 -20.08 5.34
N TYR C 294 0.47 -19.34 5.32
CA TYR C 294 1.00 -18.68 6.51
C TYR C 294 0.61 -17.21 6.53
N ASP C 295 0.84 -16.58 7.67
CA ASP C 295 0.52 -15.18 7.88
C ASP C 295 1.62 -14.24 7.41
N ASP C 296 2.76 -14.78 6.94
CA ASP C 296 3.91 -13.99 6.53
C ASP C 296 3.89 -13.65 5.05
N PHE C 297 2.67 -13.48 4.52
CA PHE C 297 2.41 -13.09 3.12
C PHE C 297 2.64 -14.13 2.04
N ASN C 298 3.27 -15.23 2.43
CA ASN C 298 3.49 -16.31 1.48
C ASN C 298 3.05 -17.62 2.07
N CYS C 299 2.80 -18.60 1.24
CA CYS C 299 2.36 -19.91 1.69
C CYS C 299 3.43 -20.95 1.33
N ASN C 300 3.74 -21.83 2.28
CA ASN C 300 4.75 -22.85 2.05
C ASN C 300 4.13 -24.15 1.58
N VAL C 301 5.00 -25.07 1.15
CA VAL C 301 4.60 -26.41 0.73
C VAL C 301 5.43 -27.40 1.52
N TRP C 302 4.85 -27.97 2.57
CA TRP C 302 5.57 -28.91 3.40
C TRP C 302 5.47 -30.32 2.83
N ASP C 303 6.39 -31.17 3.26
CA ASP C 303 6.36 -32.58 2.91
C ASP C 303 5.63 -33.35 4.01
N ALA C 304 4.63 -34.12 3.63
CA ALA C 304 3.76 -34.79 4.60
C ALA C 304 4.48 -35.89 5.38
N LEU C 305 5.68 -36.28 4.97
CA LEU C 305 6.38 -37.37 5.65
C LEU C 305 7.77 -36.94 6.09
N LYS C 306 8.35 -35.94 5.48
CA LYS C 306 9.70 -35.54 5.85
C LYS C 306 9.70 -34.22 6.60
N ALA C 307 8.56 -33.53 6.65
CA ALA C 307 8.45 -32.28 7.42
C ALA C 307 9.56 -31.31 7.04
N ASP C 308 9.82 -31.20 5.74
CA ASP C 308 10.83 -30.27 5.24
C ASP C 308 10.18 -29.41 4.18
N ARG C 309 10.53 -28.13 4.18
CA ARG C 309 9.98 -27.20 3.19
C ARG C 309 10.49 -27.60 1.81
N ALA C 310 9.61 -28.19 1.03
CA ALA C 310 9.99 -28.61 -0.29
C ALA C 310 9.69 -27.51 -1.25
N GLY C 311 9.16 -26.41 -0.75
CA GLY C 311 8.78 -25.33 -1.65
C GLY C 311 8.09 -24.20 -0.97
N VAL C 312 8.15 -23.02 -1.56
CA VAL C 312 7.51 -21.85 -0.98
C VAL C 312 6.88 -21.19 -2.16
N LEU C 313 5.67 -20.67 -1.99
CA LEU C 313 4.97 -20.04 -3.08
C LEU C 313 4.74 -18.63 -2.67
N ALA C 314 5.46 -17.71 -3.26
CA ALA C 314 5.32 -16.33 -2.88
C ALA C 314 4.26 -15.64 -3.70
N GLY C 315 4.51 -14.41 -4.11
CA GLY C 315 3.58 -13.76 -4.99
C GLY C 315 2.52 -12.89 -4.38
N HIS C 316 2.00 -13.28 -3.24
CA HIS C 316 0.92 -12.52 -2.66
C HIS C 316 1.42 -11.37 -1.83
N ASP C 317 0.80 -10.22 -1.97
CA ASP C 317 1.27 -9.05 -1.26
C ASP C 317 0.81 -9.01 0.17
N ASN C 318 -0.45 -9.26 0.40
CA ASN C 318 -0.99 -9.23 1.74
C ASN C 318 -1.17 -10.62 2.26
N ARG C 319 -1.93 -10.73 3.32
CA ARG C 319 -2.15 -12.01 3.99
C ARG C 319 -2.96 -12.96 3.11
N VAL C 320 -2.55 -14.22 3.09
CA VAL C 320 -3.34 -15.24 2.43
C VAL C 320 -4.39 -15.78 3.40
N SER C 321 -5.53 -16.15 2.85
CA SER C 321 -6.65 -16.56 3.69
C SER C 321 -7.23 -17.91 3.31
N CYS C 322 -7.12 -18.31 2.04
CA CYS C 322 -7.73 -19.54 1.57
C CYS C 322 -6.75 -20.26 0.64
N LEU C 323 -6.89 -21.58 0.59
CA LEU C 323 -5.95 -22.42 -0.16
C LEU C 323 -6.70 -23.70 -0.55
N GLY C 324 -7.01 -23.84 -1.83
CA GLY C 324 -7.75 -24.98 -2.34
C GLY C 324 -6.95 -25.74 -3.38
N VAL C 325 -7.08 -27.06 -3.35
CA VAL C 325 -6.44 -27.96 -4.30
C VAL C 325 -7.52 -28.67 -5.09
N THR C 326 -7.32 -28.81 -6.39
CA THR C 326 -8.33 -29.41 -7.26
C THR C 326 -8.56 -30.88 -6.90
N ASP C 327 -9.74 -31.38 -7.25
CA ASP C 327 -10.09 -32.77 -6.95
C ASP C 327 -9.19 -33.74 -7.68
N ASP C 328 -8.80 -33.43 -8.91
CA ASP C 328 -7.85 -34.26 -9.66
C ASP C 328 -6.41 -33.89 -9.37
N GLY C 329 -6.17 -32.90 -8.52
CA GLY C 329 -4.82 -32.50 -8.18
C GLY C 329 -4.08 -31.80 -9.29
N MET C 330 -4.73 -31.29 -10.31
CA MET C 330 -3.95 -30.67 -11.36
C MET C 330 -3.47 -29.28 -11.02
N ALA C 331 -4.24 -28.53 -10.24
CA ALA C 331 -3.85 -27.15 -9.97
C ALA C 331 -4.14 -26.82 -8.51
N VAL C 332 -3.52 -25.73 -8.05
CA VAL C 332 -3.69 -25.22 -6.69
C VAL C 332 -3.96 -23.73 -6.78
N ALA C 333 -5.00 -23.27 -6.09
CA ALA C 333 -5.37 -21.86 -6.07
C ALA C 333 -5.14 -21.29 -4.68
N THR C 334 -4.78 -20.00 -4.63
CA THR C 334 -4.42 -19.32 -3.39
C THR C 334 -5.02 -17.92 -3.40
N GLY C 335 -6.08 -17.71 -2.64
CA GLY C 335 -6.63 -16.38 -2.46
C GLY C 335 -5.97 -15.69 -1.27
N SER C 336 -5.96 -14.36 -1.29
CA SER C 336 -5.32 -13.58 -0.24
C SER C 336 -6.14 -12.35 0.06
N TRP C 337 -5.57 -11.45 0.87
CA TRP C 337 -6.23 -10.20 1.23
C TRP C 337 -5.88 -9.05 0.28
N ASP C 338 -5.54 -9.37 -0.97
CA ASP C 338 -5.28 -8.32 -1.94
C ASP C 338 -6.19 -8.46 -3.16
N SER C 339 -7.33 -9.10 -3.02
CA SER C 339 -8.32 -9.30 -4.07
C SER C 339 -7.78 -10.08 -5.26
N PHE C 340 -6.78 -10.93 -5.00
CA PHE C 340 -6.15 -11.69 -6.07
C PHE C 340 -6.26 -13.17 -5.84
N LEU C 341 -6.33 -13.94 -6.91
CA LEU C 341 -6.47 -15.39 -6.85
C LEU C 341 -5.43 -16.00 -7.78
N LYS C 342 -4.27 -16.32 -7.23
CA LYS C 342 -3.23 -16.92 -8.03
C LYS C 342 -3.47 -18.40 -8.11
N ILE C 343 -3.22 -19.00 -9.25
CA ILE C 343 -3.36 -20.43 -9.47
C ILE C 343 -1.95 -20.98 -9.69
N TRP C 344 -1.63 -22.20 -9.31
CA TRP C 344 -0.27 -22.70 -9.40
C TRP C 344 -0.29 -24.10 -9.98
N ASN C 345 0.76 -24.51 -10.68
CA ASN C 345 0.85 -25.83 -11.24
C ASN C 345 2.23 -26.36 -11.06
N ALA D 6 -25.15 -25.12 38.32
CA ALA D 6 -25.20 -25.98 37.13
C ALA D 6 -23.85 -26.65 36.91
N SER D 7 -23.13 -26.90 38.01
CA SER D 7 -21.84 -27.57 37.91
C SER D 7 -21.98 -29.00 37.41
N ILE D 8 -23.02 -29.72 37.87
CA ILE D 8 -23.24 -31.09 37.44
C ILE D 8 -23.55 -31.18 35.95
N ALA D 9 -24.30 -30.21 35.41
CA ALA D 9 -24.67 -30.26 33.99
C ALA D 9 -23.44 -30.24 33.08
N GLN D 10 -22.46 -29.39 33.39
CA GLN D 10 -21.23 -29.33 32.60
C GLN D 10 -20.22 -30.40 33.01
N ALA D 11 -20.28 -30.89 34.25
CA ALA D 11 -19.38 -31.96 34.67
C ALA D 11 -19.75 -33.28 34.03
N ARG D 12 -21.05 -33.55 33.85
CA ARG D 12 -21.44 -34.81 33.21
C ARG D 12 -21.04 -34.81 31.74
N LYS D 13 -21.11 -33.66 31.07
CA LYS D 13 -20.64 -33.58 29.69
C LYS D 13 -19.17 -33.95 29.58
N LEU D 14 -18.35 -33.52 30.54
CA LEU D 14 -16.92 -33.82 30.48
C LEU D 14 -16.64 -35.27 30.84
N VAL D 15 -17.30 -35.77 31.88
CA VAL D 15 -17.03 -37.15 32.30
C VAL D 15 -17.52 -38.16 31.27
N GLU D 16 -18.67 -37.91 30.63
CA GLU D 16 -19.12 -38.81 29.58
C GLU D 16 -18.15 -38.83 28.40
N GLN D 17 -17.77 -37.65 27.95
CA GLN D 17 -16.88 -37.54 26.82
C GLN D 17 -15.66 -38.39 27.06
N LEU D 18 -15.08 -38.24 28.23
CA LEU D 18 -13.83 -38.92 28.42
C LEU D 18 -14.02 -40.43 28.58
N LYS D 19 -15.26 -40.87 28.80
CA LYS D 19 -15.51 -42.30 28.85
C LYS D 19 -15.41 -42.78 27.43
N MET D 20 -15.99 -42.01 26.52
CA MET D 20 -15.99 -42.38 25.12
C MET D 20 -14.63 -42.15 24.49
N GLU D 21 -13.78 -41.40 25.17
CA GLU D 21 -12.44 -41.18 24.66
C GLU D 21 -11.52 -42.28 25.15
N ALA D 22 -12.03 -43.15 26.01
CA ALA D 22 -11.20 -44.21 26.55
C ALA D 22 -11.39 -45.53 25.82
N ASN D 23 -12.61 -45.82 25.39
CA ASN D 23 -12.88 -47.12 24.78
C ASN D 23 -12.30 -47.34 23.38
N ILE D 24 -11.88 -46.26 22.72
CA ILE D 24 -11.36 -46.40 21.38
C ILE D 24 -10.09 -47.21 21.35
N ASP D 25 -10.00 -48.16 20.42
CA ASP D 25 -8.83 -49.02 20.32
C ASP D 25 -7.77 -48.37 19.46
N ARG D 26 -6.65 -48.01 20.06
CA ARG D 26 -5.56 -47.38 19.33
C ARG D 26 -4.68 -48.43 18.68
N ILE D 27 -4.67 -48.47 17.36
CA ILE D 27 -3.85 -49.44 16.64
C ILE D 27 -2.42 -48.96 16.49
N LYS D 28 -1.64 -49.03 17.57
CA LYS D 28 -0.23 -48.61 17.54
C LYS D 28 -0.02 -47.23 16.96
N VAL D 29 1.17 -46.96 16.42
CA VAL D 29 1.40 -45.70 15.73
C VAL D 29 2.17 -46.08 14.50
N SER D 30 2.88 -47.20 14.56
CA SER D 30 3.68 -47.63 13.44
C SER D 30 2.75 -48.27 12.48
N LYS D 31 1.71 -48.91 13.01
CA LYS D 31 0.71 -49.54 12.18
C LYS D 31 -0.10 -48.50 11.42
N ALA D 32 -0.06 -47.26 11.89
CA ALA D 32 -0.81 -46.21 11.23
C ALA D 32 0.12 -45.13 10.79
N ALA D 33 1.40 -45.45 10.70
CA ALA D 33 2.36 -44.47 10.21
C ALA D 33 2.59 -44.76 8.77
N ALA D 34 3.77 -45.28 8.48
CA ALA D 34 4.10 -45.59 7.09
C ALA D 34 3.25 -46.72 6.59
N ASP D 35 2.64 -47.45 7.50
CA ASP D 35 1.84 -48.59 7.10
C ASP D 35 0.58 -48.17 6.41
N LEU D 36 0.21 -46.90 6.50
CA LEU D 36 -0.94 -46.44 5.75
C LEU D 36 -0.61 -45.16 5.02
N MET D 37 0.09 -44.26 5.69
CA MET D 37 0.36 -42.99 5.06
C MET D 37 1.39 -43.16 3.97
N ALA D 38 2.50 -43.81 4.26
CA ALA D 38 3.48 -44.04 3.23
C ALA D 38 3.06 -45.22 2.39
N TYR D 39 1.95 -45.84 2.75
CA TYR D 39 1.47 -46.91 1.92
C TYR D 39 0.61 -46.27 0.86
N CYS D 40 0.03 -45.11 1.17
CA CYS D 40 -0.72 -44.39 0.16
C CYS D 40 0.31 -43.65 -0.64
N GLU D 41 1.09 -44.38 -1.43
CA GLU D 41 2.14 -43.79 -2.22
C GLU D 41 2.26 -44.51 -3.54
N ALA D 42 1.72 -45.72 -3.67
CA ALA D 42 1.76 -46.31 -4.99
C ALA D 42 0.98 -45.50 -6.01
N HIS D 43 0.01 -44.71 -5.56
CA HIS D 43 -0.75 -43.82 -6.44
C HIS D 43 -0.22 -42.40 -6.42
N ALA D 44 1.07 -42.22 -6.12
CA ALA D 44 1.71 -40.92 -6.23
C ALA D 44 2.23 -40.64 -7.63
N LYS D 45 2.16 -41.61 -8.54
CA LYS D 45 2.57 -41.40 -9.91
C LYS D 45 1.55 -40.60 -10.71
N GLU D 46 0.27 -40.69 -10.36
CA GLU D 46 -0.76 -39.92 -11.02
C GLU D 46 -0.95 -38.54 -10.41
N ASP D 47 -0.23 -38.22 -9.34
CA ASP D 47 -0.30 -36.88 -8.75
C ASP D 47 0.39 -35.89 -9.66
N PRO D 48 -0.31 -34.86 -10.16
CA PRO D 48 0.30 -33.92 -11.09
C PRO D 48 1.26 -32.92 -10.47
N LEU D 49 1.49 -32.97 -9.16
CA LEU D 49 2.46 -32.08 -8.53
C LEU D 49 3.78 -32.77 -8.22
N LEU D 50 3.77 -34.06 -7.91
CA LEU D 50 5.01 -34.79 -7.69
C LEU D 50 5.84 -34.87 -8.97
N THR D 51 5.21 -35.29 -10.06
CA THR D 51 5.83 -35.43 -11.36
C THR D 51 5.23 -34.44 -12.35
N PRO D 52 5.96 -33.36 -12.58
CA PRO D 52 5.41 -32.34 -13.46
C PRO D 52 5.04 -32.98 -14.77
N VAL D 53 3.76 -32.90 -15.12
CA VAL D 53 3.31 -33.47 -16.36
C VAL D 53 3.76 -32.56 -17.48
N PRO D 54 3.95 -33.13 -18.67
CA PRO D 54 4.37 -32.36 -19.83
C PRO D 54 3.29 -31.37 -20.21
N ALA D 55 3.67 -30.21 -20.71
CA ALA D 55 2.71 -29.18 -21.09
C ALA D 55 1.59 -29.56 -22.08
N SER D 56 1.83 -30.54 -22.94
CA SER D 56 0.85 -31.00 -23.91
C SER D 56 -0.52 -31.26 -23.31
N GLU D 57 -0.61 -32.24 -22.43
CA GLU D 57 -1.89 -32.59 -21.81
C GLU D 57 -2.04 -31.97 -20.43
N ASN D 58 -1.73 -30.68 -20.32
CA ASN D 58 -1.91 -29.96 -19.06
C ASN D 58 -2.79 -28.78 -19.35
N PRO D 59 -3.92 -28.67 -18.66
CA PRO D 59 -4.87 -27.60 -19.02
C PRO D 59 -4.47 -26.19 -18.69
N PHE D 60 -3.42 -26.01 -17.92
CA PHE D 60 -3.10 -24.66 -17.49
C PHE D 60 -1.78 -24.22 -18.07
N ARG D 61 -1.47 -24.66 -19.28
CA ARG D 61 -0.24 -24.28 -19.93
C ARG D 61 -0.23 -22.78 -20.17
N GLN E 3 -2.13 -30.34 25.37
CA GLN E 3 -3.18 -29.98 26.29
C GLN E 3 -2.68 -28.90 27.22
N VAL E 4 -3.24 -27.70 27.10
CA VAL E 4 -2.86 -26.63 28.01
C VAL E 4 -3.45 -26.87 29.39
N GLN E 5 -2.73 -26.50 30.43
CA GLN E 5 -3.16 -26.75 31.80
C GLN E 5 -2.55 -25.68 32.69
N LEU E 6 -3.41 -24.84 33.27
CA LEU E 6 -2.97 -23.80 34.18
C LEU E 6 -3.45 -24.13 35.57
N GLN E 7 -2.54 -24.37 36.50
CA GLN E 7 -2.88 -24.67 37.88
C GLN E 7 -2.47 -23.51 38.79
N GLU E 8 -3.38 -23.14 39.69
CA GLU E 8 -3.18 -22.00 40.60
C GLU E 8 -3.09 -22.52 42.02
N SER E 9 -1.86 -22.73 42.50
CA SER E 9 -1.64 -23.17 43.86
C SER E 9 -1.64 -21.96 44.81
N GLY E 10 -1.66 -22.27 46.11
CA GLY E 10 -1.63 -21.23 47.12
C GLY E 10 -3.01 -20.74 47.51
N GLY E 11 -3.07 -19.55 48.13
CA GLY E 11 -4.34 -18.98 48.53
C GLY E 11 -4.89 -19.61 49.80
N GLY E 12 -6.12 -19.23 50.11
CA GLY E 12 -6.81 -19.75 51.28
C GLY E 12 -7.43 -18.68 52.15
N LEU E 13 -7.16 -18.75 53.46
CA LEU E 13 -7.69 -17.80 54.43
C LEU E 13 -6.55 -16.94 54.96
N VAL E 14 -6.74 -15.62 54.93
CA VAL E 14 -5.70 -14.69 55.35
C VAL E 14 -6.31 -13.58 56.19
N GLN E 15 -5.57 -13.18 57.22
CA GLN E 15 -5.86 -12.02 58.03
C GLN E 15 -5.73 -10.76 57.18
N PRO E 16 -6.73 -9.87 57.18
CA PRO E 16 -6.59 -8.62 56.42
C PRO E 16 -5.36 -7.83 56.83
N GLY E 17 -4.45 -7.64 55.87
CA GLY E 17 -3.13 -7.11 56.14
C GLY E 17 -2.02 -8.13 56.04
N GLY E 18 -2.34 -9.37 55.70
CA GLY E 18 -1.35 -10.42 55.59
C GLY E 18 -0.66 -10.42 54.22
N SER E 19 0.00 -11.54 53.93
CA SER E 19 0.74 -11.70 52.69
C SER E 19 0.57 -13.13 52.19
N LEU E 20 0.13 -13.27 50.94
CA LEU E 20 -0.01 -14.57 50.29
C LEU E 20 0.73 -14.55 48.97
N ARG E 21 1.37 -15.67 48.63
CA ARG E 21 2.09 -15.81 47.36
C ARG E 21 1.34 -16.83 46.51
N LEU E 22 0.67 -16.34 45.46
CA LEU E 22 -0.03 -17.21 44.53
C LEU E 22 0.94 -17.69 43.44
N SER E 23 1.01 -19.00 43.25
CA SER E 23 1.87 -19.60 42.25
C SER E 23 1.02 -20.23 41.17
N CYS E 24 1.27 -19.85 39.91
CA CYS E 24 0.56 -20.39 38.77
C CYS E 24 1.47 -21.38 38.03
N ALA E 25 1.02 -22.62 37.91
CA ALA E 25 1.78 -23.67 37.25
C ALA E 25 1.22 -23.88 35.85
N ALA E 26 2.09 -23.79 34.85
CA ALA E 26 1.70 -23.94 33.46
C ALA E 26 2.49 -25.08 32.82
N SER E 27 1.81 -25.83 31.96
CA SER E 27 2.43 -26.96 31.27
C SER E 27 1.61 -27.29 30.04
N GLY E 28 2.22 -27.25 28.87
CA GLY E 28 1.49 -27.50 27.63
C GLY E 28 1.83 -26.54 26.52
N PHE E 29 2.58 -25.50 26.85
CA PHE E 29 2.97 -24.52 25.84
C PHE E 29 4.32 -23.92 26.19
N THR E 30 4.89 -23.19 25.26
CA THR E 30 6.15 -22.52 25.52
C THR E 30 5.86 -21.33 26.40
N PHE E 31 6.21 -21.42 27.68
CA PHE E 31 5.84 -20.36 28.62
C PHE E 31 6.47 -19.03 28.26
N SER E 32 7.64 -19.05 27.61
CA SER E 32 8.38 -17.83 27.33
C SER E 32 7.80 -17.01 26.19
N ASN E 33 6.84 -17.56 25.45
CA ASN E 33 6.34 -16.87 24.26
C ASN E 33 5.05 -16.11 24.49
N TYR E 34 4.40 -16.34 25.62
CA TYR E 34 3.10 -15.73 25.85
C TYR E 34 3.07 -14.69 26.95
N LYS E 35 2.29 -13.63 26.77
CA LYS E 35 2.12 -12.63 27.81
C LYS E 35 1.14 -13.22 28.78
N MET E 36 1.46 -13.17 30.06
CA MET E 36 0.59 -13.81 31.02
C MET E 36 -0.07 -12.79 31.92
N ASN E 37 -1.34 -12.98 32.24
CA ASN E 37 -2.08 -12.02 33.05
C ASN E 37 -2.73 -12.63 34.27
N TRP E 38 -3.19 -11.81 35.22
CA TRP E 38 -3.93 -12.34 36.36
C TRP E 38 -5.30 -11.67 36.36
N VAL E 39 -6.36 -12.50 36.33
CA VAL E 39 -7.74 -12.02 36.30
C VAL E 39 -8.46 -12.58 37.52
N ARG E 40 -9.16 -11.71 38.23
CA ARG E 40 -9.89 -12.08 39.44
C ARG E 40 -11.38 -11.79 39.26
N GLN E 41 -12.19 -12.47 40.07
CA GLN E 41 -13.64 -12.33 40.00
C GLN E 41 -14.20 -12.33 41.41
N ALA E 42 -14.64 -11.16 41.87
CA ALA E 42 -15.28 -11.05 43.17
C ALA E 42 -16.68 -11.66 43.12
N PRO E 43 -17.18 -12.19 44.24
CA PRO E 43 -18.53 -12.77 44.23
C PRO E 43 -19.60 -11.69 44.28
N GLY E 44 -20.30 -11.50 43.16
CA GLY E 44 -21.31 -10.48 43.07
C GLY E 44 -21.28 -9.73 41.76
N LYS E 45 -20.12 -9.72 41.11
CA LYS E 45 -19.97 -9.04 39.83
C LYS E 45 -19.08 -9.83 38.88
N GLY E 46 -18.77 -9.25 37.72
CA GLY E 46 -18.05 -9.96 36.68
C GLY E 46 -16.55 -9.96 36.86
N LEU E 47 -15.88 -10.49 35.84
CA LEU E 47 -14.42 -10.60 35.87
C LEU E 47 -13.75 -9.26 35.66
N GLU E 48 -12.56 -9.10 36.20
CA GLU E 48 -11.79 -7.86 36.08
C GLU E 48 -10.31 -8.20 36.03
N TRP E 49 -9.59 -7.51 35.15
CA TRP E 49 -8.15 -7.70 34.98
C TRP E 49 -7.40 -7.05 36.13
N VAL E 50 -6.45 -7.77 36.71
CA VAL E 50 -5.71 -7.28 37.87
C VAL E 50 -4.33 -6.78 37.44
N SER E 51 -3.52 -7.67 36.89
CA SER E 51 -2.15 -7.36 36.50
C SER E 51 -1.77 -8.17 35.28
N ASP E 52 -0.56 -7.91 34.77
CA ASP E 52 -0.03 -8.63 33.61
C ASP E 52 1.49 -8.57 33.65
N ILE E 53 2.12 -9.25 32.70
CA ILE E 53 3.57 -9.25 32.58
C ILE E 53 3.92 -9.63 31.15
N SER E 54 5.01 -9.07 30.63
CA SER E 54 5.39 -9.28 29.24
C SER E 54 6.06 -10.63 29.09
N GLN E 55 6.58 -10.91 27.90
CA GLN E 55 7.26 -12.19 27.66
C GLN E 55 8.51 -12.31 28.53
N SER E 56 9.37 -11.31 28.50
CA SER E 56 10.60 -11.34 29.28
C SER E 56 10.42 -10.82 30.69
N GLY E 57 9.34 -10.09 30.96
CA GLY E 57 9.09 -9.51 32.27
C GLY E 57 9.40 -8.03 32.37
N ALA E 58 9.71 -7.35 31.27
CA ALA E 58 10.03 -5.92 31.33
C ALA E 58 8.76 -5.09 31.52
N SER E 59 7.81 -5.20 30.59
CA SER E 59 6.58 -4.44 30.66
C SER E 59 5.69 -5.03 31.75
N ILE E 60 5.48 -4.26 32.82
CA ILE E 60 4.66 -4.68 33.95
C ILE E 60 3.64 -3.59 34.23
N SER E 61 2.37 -3.99 34.37
CA SER E 61 1.29 -3.05 34.62
C SER E 61 0.38 -3.61 35.71
N TYR E 62 -0.37 -2.72 36.35
CA TYR E 62 -1.28 -3.11 37.42
C TYR E 62 -2.56 -2.29 37.29
N THR E 63 -3.63 -2.82 37.87
CA THR E 63 -4.86 -2.05 38.01
C THR E 63 -4.68 -0.98 39.08
N GLY E 64 -5.31 0.18 38.86
CA GLY E 64 -5.16 1.29 39.79
C GLY E 64 -5.63 0.99 41.19
N SER E 65 -6.60 0.09 41.35
CA SER E 65 -7.09 -0.25 42.67
C SER E 65 -6.07 -1.04 43.48
N VAL E 66 -5.16 -1.75 42.82
CA VAL E 66 -4.17 -2.59 43.50
C VAL E 66 -2.74 -2.20 43.12
N LYS E 67 -2.54 -0.99 42.60
CA LYS E 67 -1.21 -0.55 42.21
C LYS E 67 -0.38 -0.24 43.44
N GLY E 68 0.86 -0.72 43.46
CA GLY E 68 1.76 -0.52 44.57
C GLY E 68 1.63 -1.55 45.68
N ARG E 69 0.42 -2.01 45.97
CA ARG E 69 0.23 -3.01 47.00
C ARG E 69 0.61 -4.41 46.51
N PHE E 70 0.43 -4.69 45.23
CA PHE E 70 0.62 -6.03 44.70
C PHE E 70 1.77 -6.04 43.70
N THR E 71 2.48 -7.17 43.64
CA THR E 71 3.60 -7.34 42.74
C THR E 71 3.41 -8.61 41.91
N ILE E 72 3.99 -8.59 40.72
CA ILE E 72 3.89 -9.70 39.78
C ILE E 72 5.28 -10.03 39.26
N SER E 73 5.56 -11.32 39.09
CA SER E 73 6.86 -11.77 38.61
C SER E 73 6.72 -13.12 37.94
N ARG E 74 7.51 -13.33 36.89
CA ARG E 74 7.51 -14.59 36.16
C ARG E 74 8.93 -15.17 36.16
N ASP E 75 9.00 -16.50 36.17
CA ASP E 75 10.27 -17.21 36.09
C ASP E 75 10.18 -18.13 34.87
N ASN E 76 10.81 -17.73 33.78
CA ASN E 76 10.66 -18.44 32.51
C ASN E 76 11.27 -19.82 32.56
N ALA E 77 12.32 -20.02 33.35
CA ALA E 77 13.02 -21.30 33.40
C ALA E 77 12.24 -22.37 34.14
N LYS E 78 11.22 -21.99 34.91
CA LYS E 78 10.43 -22.95 35.67
C LYS E 78 9.01 -23.07 35.16
N ASN E 79 8.63 -22.27 34.17
CA ASN E 79 7.29 -22.28 33.58
C ASN E 79 6.22 -22.01 34.65
N THR E 80 6.47 -20.98 35.46
CA THR E 80 5.60 -20.66 36.58
C THR E 80 5.39 -19.14 36.65
N LEU E 81 4.26 -18.75 37.22
CA LEU E 81 3.90 -17.35 37.40
C LEU E 81 3.68 -17.10 38.88
N TYR E 82 4.27 -16.02 39.40
CA TYR E 82 4.15 -15.67 40.81
C TYR E 82 3.47 -14.31 40.94
N LEU E 83 2.45 -14.25 41.81
CA LEU E 83 1.84 -12.99 42.23
C LEU E 83 1.86 -12.99 43.76
N GLN E 84 2.60 -12.06 44.35
CA GLN E 84 2.79 -12.00 45.79
C GLN E 84 1.89 -10.89 46.35
N MET E 85 1.07 -11.25 47.34
CA MET E 85 0.13 -10.33 47.94
C MET E 85 0.74 -9.63 49.15
N ASN E 86 0.39 -8.36 49.32
CA ASN E 86 0.83 -7.57 50.47
C ASN E 86 -0.29 -6.63 50.88
N SER E 87 -0.48 -6.51 52.20
CA SER E 87 -1.44 -5.58 52.80
C SER E 87 -2.83 -5.75 52.20
N LEU E 88 -3.39 -6.93 52.44
CA LEU E 88 -4.71 -7.27 51.93
C LEU E 88 -5.77 -6.35 52.55
N LYS E 89 -6.88 -6.20 51.85
CA LYS E 89 -7.97 -5.33 52.24
C LYS E 89 -9.27 -6.11 52.19
N PRO E 90 -10.27 -5.70 52.99
CA PRO E 90 -11.52 -6.49 53.06
C PRO E 90 -12.21 -6.71 51.73
N GLU E 91 -12.19 -5.74 50.82
CA GLU E 91 -12.86 -5.88 49.54
C GLU E 91 -12.00 -6.56 48.48
N ASP E 92 -10.97 -7.29 48.90
CA ASP E 92 -10.12 -8.04 47.99
C ASP E 92 -10.52 -9.52 47.95
N THR E 93 -11.68 -9.86 48.50
CA THR E 93 -12.15 -11.24 48.52
C THR E 93 -12.68 -11.62 47.14
N ALA E 94 -11.96 -12.49 46.45
CA ALA E 94 -12.30 -12.89 45.10
C ALA E 94 -11.60 -14.21 44.78
N VAL E 95 -11.93 -14.77 43.62
CA VAL E 95 -11.23 -15.94 43.09
C VAL E 95 -10.34 -15.48 41.95
N TYR E 96 -9.08 -15.90 41.98
CA TYR E 96 -8.06 -15.38 41.09
C TYR E 96 -7.73 -16.43 40.03
N TYR E 97 -7.93 -16.07 38.76
CA TYR E 97 -7.61 -16.94 37.65
C TYR E 97 -6.29 -16.51 37.01
N CYS E 98 -5.41 -17.46 36.71
CA CYS E 98 -4.17 -17.14 36.02
C CYS E 98 -4.55 -17.28 34.57
N ALA E 99 -4.35 -16.26 33.78
CA ALA E 99 -4.80 -16.32 32.40
C ALA E 99 -3.65 -16.11 31.46
N ARG E 100 -3.77 -16.60 30.23
CA ARG E 100 -2.72 -16.39 29.25
C ARG E 100 -3.31 -15.84 28.00
N CYS E 101 -2.47 -15.33 27.13
CA CYS E 101 -2.99 -14.73 25.94
C CYS E 101 -3.03 -15.69 24.79
N PRO E 102 -3.94 -15.48 23.86
CA PRO E 102 -4.08 -16.48 22.80
C PRO E 102 -3.05 -16.44 21.67
N ALA E 103 -2.37 -15.34 21.45
CA ALA E 103 -1.46 -15.13 20.35
C ALA E 103 -0.02 -14.99 20.85
N PRO E 104 0.89 -15.86 20.41
CA PRO E 104 2.29 -15.73 20.82
C PRO E 104 2.98 -14.61 20.06
N PHE E 105 3.99 -14.02 20.71
CA PHE E 105 4.80 -12.95 20.13
C PHE E 105 3.92 -11.78 19.68
N THR E 106 2.91 -11.46 20.47
CA THR E 106 2.01 -10.35 20.20
C THR E 106 1.87 -9.50 21.45
N ARG E 107 1.72 -8.19 21.23
CA ARG E 107 1.64 -7.21 22.30
C ARG E 107 0.19 -6.87 22.68
N ASP E 108 -0.79 -7.36 21.92
CA ASP E 108 -2.20 -7.12 22.21
C ASP E 108 -2.95 -8.44 22.21
N CYS E 109 -3.89 -8.57 23.15
CA CYS E 109 -4.67 -9.80 23.27
C CYS E 109 -5.93 -9.52 24.08
N PHE E 110 -6.88 -10.46 23.98
CA PHE E 110 -8.27 -10.25 24.40
C PHE E 110 -8.72 -11.35 25.36
N ASP E 111 -7.98 -11.56 26.45
CA ASP E 111 -8.30 -12.61 27.43
C ASP E 111 -9.15 -12.12 28.55
N VAL E 112 -9.51 -10.86 28.66
CA VAL E 112 -10.36 -10.48 29.81
C VAL E 112 -11.72 -11.19 29.81
N THR E 113 -12.07 -11.80 28.68
CA THR E 113 -13.39 -12.45 28.54
C THR E 113 -13.73 -13.27 29.70
N SER E 114 -14.90 -13.02 30.22
CA SER E 114 -15.32 -13.75 31.37
C SER E 114 -15.85 -15.05 30.93
N THR E 115 -17.08 -15.02 30.46
CA THR E 115 -17.71 -16.23 30.05
C THR E 115 -16.86 -16.96 29.05
N THR E 116 -16.51 -18.20 29.36
CA THR E 116 -15.77 -19.05 28.44
C THR E 116 -14.51 -18.57 27.75
N TYR E 117 -13.38 -18.70 28.39
CA TYR E 117 -12.14 -18.39 27.74
C TYR E 117 -11.37 -19.63 28.02
N ALA E 118 -10.93 -20.32 26.98
CA ALA E 118 -10.28 -21.60 27.19
C ALA E 118 -9.00 -21.58 27.97
N TYR E 119 -8.05 -20.77 27.55
CA TYR E 119 -6.74 -20.69 28.20
C TYR E 119 -6.72 -19.98 29.52
N ARG E 120 -7.48 -20.48 30.48
CA ARG E 120 -7.51 -19.91 31.82
C ARG E 120 -7.71 -21.07 32.75
N GLY E 121 -7.05 -21.07 33.88
CA GLY E 121 -7.15 -22.14 34.85
C GLY E 121 -8.40 -22.06 35.70
N GLN E 122 -8.57 -23.07 36.55
CA GLN E 122 -9.72 -23.11 37.45
C GLN E 122 -9.68 -22.00 38.49
N GLY E 123 -8.49 -21.61 38.95
CA GLY E 123 -8.35 -20.52 39.88
C GLY E 123 -8.27 -20.98 41.32
N THR E 124 -8.12 -19.98 42.20
CA THR E 124 -8.00 -20.22 43.63
C THR E 124 -8.76 -19.10 44.34
N GLN E 125 -9.82 -19.46 45.06
CA GLN E 125 -10.67 -18.46 45.68
C GLN E 125 -10.14 -18.12 47.07
N VAL E 126 -9.94 -16.84 47.33
CA VAL E 126 -9.32 -16.37 48.57
C VAL E 126 -10.32 -15.49 49.32
N THR E 127 -10.23 -15.53 50.65
CA THR E 127 -11.10 -14.74 51.52
C THR E 127 -10.25 -14.02 52.55
N VAL E 128 -10.74 -12.87 53.01
CA VAL E 128 -10.11 -12.17 54.12
C VAL E 128 -10.79 -12.59 55.42
N SER E 129 -10.04 -12.48 56.52
CA SER E 129 -10.57 -12.90 57.81
C SER E 129 -11.55 -11.87 58.35
N SER E 130 -12.32 -12.27 59.35
CA SER E 130 -13.32 -11.40 59.96
C SER E 130 -13.08 -11.25 61.45
N GLN F 1 19.11 36.26 -38.10
CA GLN F 1 18.77 36.71 -39.44
C GLN F 1 19.96 37.41 -40.10
N VAL F 2 20.99 37.68 -39.32
CA VAL F 2 22.15 38.41 -39.85
C VAL F 2 22.77 37.65 -41.02
N MET F 3 22.93 36.34 -40.88
CA MET F 3 23.54 35.54 -41.92
C MET F 3 22.92 35.78 -43.28
N ASP F 4 21.61 35.55 -43.38
CA ASP F 4 20.97 35.69 -44.67
C ASP F 4 20.91 37.14 -45.09
N PHE F 5 20.92 38.05 -44.12
CA PHE F 5 20.80 39.46 -44.43
C PHE F 5 22.13 40.07 -44.82
N LEU F 6 23.13 39.23 -44.98
CA LEU F 6 24.42 39.74 -45.40
C LEU F 6 24.80 39.00 -46.67
N PHE F 7 24.11 37.91 -46.94
CA PHE F 7 24.37 37.21 -48.20
C PHE F 7 23.90 38.13 -49.30
N GLU F 8 22.74 38.73 -49.09
CA GLU F 8 22.20 39.61 -50.10
C GLU F 8 23.14 40.75 -50.42
N LYS F 9 23.71 41.38 -49.40
CA LYS F 9 24.54 42.56 -49.67
C LYS F 9 25.86 42.18 -50.32
N TRP F 10 26.28 40.93 -50.17
CA TRP F 10 27.49 40.48 -50.85
C TRP F 10 27.18 40.62 -52.33
N LYS F 11 26.03 40.11 -52.73
CA LYS F 11 25.62 40.21 -54.12
C LYS F 11 25.24 41.62 -54.54
N LEU F 12 24.48 42.30 -53.71
CA LEU F 12 23.99 43.64 -54.05
C LEU F 12 25.12 44.61 -54.35
N TYR F 13 26.11 44.65 -53.45
CA TYR F 13 27.21 45.56 -53.63
C TYR F 13 28.08 45.03 -54.76
N GLY F 14 28.21 43.72 -54.84
CA GLY F 14 29.03 43.11 -55.86
C GLY F 14 28.49 43.26 -57.27
N ASP F 15 27.39 44.00 -57.42
CA ASP F 15 26.82 44.25 -58.74
C ASP F 15 26.72 45.75 -59.04
N GLN F 16 26.56 46.57 -58.01
CA GLN F 16 26.49 48.03 -58.19
C GLN F 16 27.82 48.50 -58.76
N CYS F 17 28.89 47.97 -58.19
CA CYS F 17 30.25 48.21 -58.63
C CYS F 17 30.47 47.64 -60.04
N HIS F 18 29.73 46.61 -60.43
CA HIS F 18 29.94 46.03 -61.74
C HIS F 18 29.37 46.99 -62.74
N HIS F 19 28.45 47.84 -62.29
CA HIS F 19 27.88 48.84 -63.18
C HIS F 19 28.69 50.11 -63.02
N ASN F 20 29.52 50.17 -61.99
CA ASN F 20 30.38 51.34 -61.79
C ASN F 20 31.67 51.03 -62.50
N LEU F 21 31.93 49.75 -62.78
CA LEU F 21 33.12 49.36 -63.50
C LEU F 21 32.71 49.53 -64.93
N SER F 22 31.41 49.42 -65.19
CA SER F 22 30.91 49.68 -66.53
C SER F 22 30.93 51.19 -66.67
N LEU F 23 31.00 51.70 -67.89
CA LEU F 23 31.11 53.15 -68.11
C LEU F 23 32.36 53.70 -67.44
N LEU F 24 33.37 52.84 -67.26
CA LEU F 24 34.63 53.26 -66.62
C LEU F 24 35.82 52.41 -67.07
N PRO F 25 36.78 53.02 -67.77
CA PRO F 25 37.96 52.28 -68.19
C PRO F 25 39.17 53.21 -68.25
N PRO F 26 39.06 54.33 -68.98
CA PRO F 26 40.16 55.31 -69.12
C PRO F 26 41.55 54.69 -69.32
N PRO F 27 42.53 55.14 -68.52
CA PRO F 27 43.90 54.60 -68.64
C PRO F 27 43.97 53.16 -68.18
N THR F 28 44.72 52.32 -68.90
CA THR F 28 44.78 50.91 -68.56
C THR F 28 46.15 50.47 -68.06
N GLU F 29 47.20 50.93 -68.73
CA GLU F 29 48.55 50.53 -68.33
C GLU F 29 49.30 51.68 -67.68
N LEU F 30 49.11 52.90 -68.19
CA LEU F 30 49.75 54.06 -67.59
C LEU F 30 49.25 54.13 -66.17
N VAL F 31 47.93 54.21 -66.02
CA VAL F 31 47.36 54.17 -64.69
C VAL F 31 46.61 52.85 -64.65
N CYS F 32 46.65 52.17 -63.51
CA CYS F 32 45.94 50.91 -63.32
C CYS F 32 44.57 50.81 -63.96
N ASN F 33 44.29 49.67 -64.57
CA ASN F 33 43.00 49.48 -65.21
C ASN F 33 41.88 49.13 -64.25
N ARG F 34 40.70 48.90 -64.78
CA ARG F 34 39.55 48.52 -63.97
C ARG F 34 39.76 47.13 -63.41
N THR F 35 39.90 47.01 -62.09
CA THR F 35 40.10 45.70 -61.49
C THR F 35 38.98 45.39 -60.51
N PHE F 36 38.92 44.14 -60.07
CA PHE F 36 37.83 43.71 -59.19
C PHE F 36 38.42 43.02 -57.98
N ASP F 37 38.15 43.54 -56.79
CA ASP F 37 38.76 42.96 -55.59
C ASP F 37 37.84 42.00 -54.88
N LYS F 38 37.44 40.92 -55.55
CA LYS F 38 36.58 39.90 -54.94
C LYS F 38 35.43 40.46 -54.13
N TYR F 39 35.58 40.45 -52.81
CA TYR F 39 34.53 40.96 -51.94
C TYR F 39 34.16 42.43 -52.17
N SER F 40 35.09 43.25 -52.67
CA SER F 40 34.78 44.67 -52.80
C SER F 40 35.16 45.36 -54.09
N CYS F 41 34.18 45.81 -54.90
CA CYS F 41 34.57 46.58 -56.06
C CYS F 41 34.41 48.06 -55.85
N TRP F 42 35.37 48.81 -56.40
CA TRP F 42 35.35 50.25 -56.28
C TRP F 42 35.91 50.75 -57.59
N PRO F 43 35.63 52.01 -57.95
CA PRO F 43 36.29 52.53 -59.15
C PRO F 43 37.78 52.53 -58.87
N ASP F 44 38.59 51.98 -59.76
CA ASP F 44 40.02 51.87 -59.48
C ASP F 44 40.73 53.16 -59.18
N THR F 45 41.22 53.29 -57.95
CA THR F 45 41.96 54.49 -57.56
C THR F 45 43.27 54.54 -58.34
N PRO F 46 43.58 55.70 -58.92
CA PRO F 46 44.82 55.84 -59.70
C PRO F 46 46.12 55.83 -58.91
N ALA F 47 47.23 56.02 -59.60
CA ALA F 47 48.53 55.99 -58.95
C ALA F 47 48.66 56.97 -57.80
N ASN F 48 48.95 56.48 -56.60
CA ASN F 48 49.13 57.33 -55.42
C ASN F 48 48.12 58.46 -55.28
N THR F 49 46.83 58.13 -55.33
CA THR F 49 45.83 59.16 -55.16
C THR F 49 45.44 59.27 -53.71
N THR F 50 44.81 60.39 -53.35
CA THR F 50 44.39 60.59 -51.98
C THR F 50 43.42 59.50 -51.56
N ALA F 51 43.62 58.95 -50.37
CA ALA F 51 42.76 57.87 -49.90
C ALA F 51 41.53 58.40 -49.19
N ASN F 52 40.83 59.35 -49.79
CA ASN F 52 39.62 59.90 -49.19
C ASN F 52 38.45 58.95 -49.37
N ILE F 53 38.64 57.93 -50.19
CA ILE F 53 37.59 56.96 -50.43
C ILE F 53 37.37 56.11 -49.19
N SER F 54 36.14 56.08 -48.66
CA SER F 54 35.87 55.18 -47.55
C SER F 54 35.78 53.74 -48.03
N CYS F 55 35.94 52.83 -47.05
CA CYS F 55 35.81 51.38 -47.24
C CYS F 55 34.34 51.11 -47.52
N PRO F 56 33.99 50.06 -48.32
CA PRO F 56 32.54 49.90 -48.65
C PRO F 56 31.52 49.87 -47.55
N TRP F 57 30.29 50.25 -47.90
CA TRP F 57 29.21 50.17 -46.92
C TRP F 57 29.12 48.71 -46.56
N TYR F 58 28.94 47.84 -47.54
CA TYR F 58 28.90 46.40 -47.30
C TYR F 58 28.32 46.05 -45.96
N LEU F 59 29.17 45.58 -45.05
CA LEU F 59 28.73 45.26 -43.69
C LEU F 59 27.58 46.11 -43.20
N PRO F 60 26.41 45.50 -42.98
CA PRO F 60 25.22 46.26 -42.57
C PRO F 60 25.42 47.30 -41.48
N TRP F 61 26.18 46.98 -40.43
CA TRP F 61 26.39 47.88 -39.29
C TRP F 61 27.32 49.02 -39.59
N HIS F 62 27.38 49.46 -40.84
CA HIS F 62 28.37 50.46 -41.21
C HIS F 62 27.99 51.85 -40.69
N HIS F 63 26.77 52.03 -40.19
CA HIS F 63 26.30 53.32 -39.72
C HIS F 63 27.06 53.82 -38.49
N LYS F 64 27.93 53.00 -37.89
CA LYS F 64 28.71 53.39 -36.73
C LYS F 64 30.21 53.27 -36.96
N VAL F 65 30.56 52.87 -38.17
CA VAL F 65 31.90 52.68 -38.61
C VAL F 65 31.94 53.39 -39.94
N GLN F 66 31.53 54.65 -39.96
CA GLN F 66 31.54 55.35 -41.24
C GLN F 66 32.78 56.23 -41.43
N HIS F 67 33.28 56.86 -40.36
CA HIS F 67 34.12 58.05 -40.50
C HIS F 67 35.59 57.74 -40.70
N ARG F 68 35.88 56.45 -41.02
CA ARG F 68 37.22 55.80 -41.26
C ARG F 68 37.34 55.31 -42.73
N PHE F 69 38.53 55.41 -43.36
CA PHE F 69 38.63 55.23 -44.81
C PHE F 69 39.52 54.02 -45.10
N VAL F 70 39.86 53.86 -46.38
CA VAL F 70 40.70 52.77 -46.87
C VAL F 70 41.79 53.36 -47.75
N PHE F 71 43.01 52.83 -47.62
CA PHE F 71 44.13 53.33 -48.40
C PHE F 71 44.54 52.33 -49.48
N LYS F 72 44.44 52.74 -50.73
CA LYS F 72 44.82 51.87 -51.84
C LYS F 72 45.77 52.60 -52.77
N ARG F 73 46.86 51.95 -53.16
CA ARG F 73 47.87 52.62 -53.99
C ARG F 73 48.25 51.86 -55.25
N CYS F 74 48.15 52.53 -56.41
CA CYS F 74 48.54 51.90 -57.66
C CYS F 74 50.03 52.07 -57.88
N GLY F 75 50.83 51.12 -57.42
CA GLY F 75 52.27 51.24 -57.53
C GLY F 75 52.88 50.93 -58.88
N PRO F 76 53.49 49.75 -59.04
CA PRO F 76 54.15 49.37 -60.30
C PRO F 76 53.22 49.44 -61.49
N ASP F 77 53.26 50.52 -62.27
CA ASP F 77 52.34 50.71 -63.40
C ASP F 77 50.91 50.41 -63.01
N GLY F 78 50.53 50.82 -61.80
CA GLY F 78 49.20 50.52 -61.34
C GLY F 78 49.03 49.11 -60.78
N GLN F 79 49.71 48.81 -59.69
CA GLN F 79 49.58 47.51 -59.07
C GLN F 79 49.52 47.58 -57.55
N TRP F 80 48.80 46.66 -56.94
CA TRP F 80 48.71 46.65 -55.49
C TRP F 80 49.77 45.76 -54.86
N VAL F 81 49.92 45.83 -53.55
CA VAL F 81 50.96 45.07 -52.87
C VAL F 81 50.69 43.58 -52.74
N ARG F 82 51.74 42.78 -52.87
CA ARG F 82 51.59 41.34 -52.67
C ARG F 82 52.15 41.06 -51.30
N GLY F 83 51.88 39.90 -50.73
CA GLY F 83 52.29 39.67 -49.36
C GLY F 83 53.19 38.53 -48.97
N PRO F 84 52.93 37.93 -47.80
CA PRO F 84 53.79 36.85 -47.28
C PRO F 84 54.00 35.78 -48.33
N ARG F 85 52.92 35.13 -48.75
CA ARG F 85 53.04 34.15 -49.82
C ARG F 85 52.56 34.72 -51.15
N GLY F 86 52.78 36.03 -51.35
CA GLY F 86 52.36 36.67 -52.58
C GLY F 86 50.90 37.03 -52.65
N GLN F 87 50.14 36.77 -51.59
CA GLN F 87 48.72 37.12 -51.60
C GLN F 87 48.54 38.62 -51.46
N PRO F 88 47.62 39.21 -52.23
CA PRO F 88 47.38 40.67 -52.12
C PRO F 88 46.77 41.00 -50.76
N TRP F 89 47.49 41.81 -49.99
CA TRP F 89 47.03 42.19 -48.67
C TRP F 89 46.66 43.67 -48.67
N ARG F 90 45.56 44.01 -48.01
CA ARG F 90 45.12 45.39 -47.89
C ARG F 90 44.96 45.72 -46.42
N ASP F 91 45.51 46.86 -46.01
CA ASP F 91 45.49 47.30 -44.62
C ASP F 91 44.14 47.95 -44.33
N ALA F 92 43.07 47.17 -44.44
CA ALA F 92 41.73 47.68 -44.18
C ALA F 92 41.30 47.50 -42.72
N SER F 93 42.27 47.39 -41.82
CA SER F 93 42.01 47.18 -40.40
C SER F 93 41.20 48.27 -39.69
N GLN F 94 41.30 49.51 -40.17
CA GLN F 94 40.58 50.64 -39.58
C GLN F 94 39.10 50.59 -39.90
N CYS F 95 38.73 49.85 -40.94
CA CYS F 95 37.31 49.71 -41.30
C CYS F 95 36.74 48.49 -40.59
N GLN F 96 37.62 47.67 -40.01
CA GLN F 96 37.15 46.44 -39.35
C GLN F 96 36.40 46.63 -38.05
N MET F 97 35.97 45.53 -37.43
CA MET F 97 35.19 45.60 -36.20
C MET F 97 35.99 46.13 -35.02
N ASP F 98 35.29 46.54 -33.97
CA ASP F 98 35.96 47.11 -32.81
C ASP F 98 36.38 46.07 -31.79
N GLY F 99 37.67 45.80 -31.69
CA GLY F 99 38.16 44.82 -30.74
C GLY F 99 37.34 44.72 -29.47
N GLU F 100 37.06 45.87 -28.85
CA GLU F 100 36.29 45.87 -27.62
C GLU F 100 35.22 44.79 -27.62
N GLU F 101 34.23 44.91 -28.50
CA GLU F 101 33.16 43.94 -28.48
C GLU F 101 33.73 42.56 -28.65
N ILE F 102 34.62 42.39 -29.61
CA ILE F 102 35.23 41.09 -29.85
C ILE F 102 35.62 40.49 -28.51
N GLU F 103 36.16 41.31 -27.63
CA GLU F 103 36.52 40.81 -26.31
C GLU F 103 35.28 40.34 -25.61
N VAL F 104 34.32 41.24 -25.43
CA VAL F 104 33.09 40.87 -24.75
C VAL F 104 32.52 39.60 -25.37
N GLN F 105 32.72 39.43 -26.67
CA GLN F 105 32.26 38.23 -27.32
C GLN F 105 32.94 37.07 -26.68
N LYS F 106 34.26 37.02 -26.83
CA LYS F 106 35.02 35.96 -26.20
C LYS F 106 34.42 35.67 -24.86
N GLU F 107 34.09 36.71 -24.13
CA GLU F 107 33.54 36.52 -22.79
C GLU F 107 32.24 35.77 -22.82
N VAL F 108 31.16 36.44 -23.18
CA VAL F 108 29.86 35.80 -23.14
C VAL F 108 29.97 34.35 -23.57
N ALA F 109 30.64 34.12 -24.69
CA ALA F 109 30.79 32.76 -25.18
C ALA F 109 31.23 31.81 -24.08
N LYS F 110 32.38 32.07 -23.50
CA LYS F 110 32.90 31.21 -22.46
C LYS F 110 31.77 30.92 -21.49
N MET F 111 31.22 31.96 -20.90
CA MET F 111 30.13 31.77 -19.96
C MET F 111 29.03 30.89 -20.55
N TYR F 112 28.72 31.09 -21.82
CA TYR F 112 27.67 30.29 -22.44
C TYR F 112 28.14 28.87 -22.64
N SER F 113 29.41 28.66 -22.93
CA SER F 113 29.94 27.31 -23.04
C SER F 113 29.90 26.60 -21.69
N SER F 114 30.25 27.30 -20.61
CA SER F 114 30.17 26.71 -19.29
C SER F 114 28.73 26.34 -18.94
N PHE F 115 27.78 27.23 -19.24
CA PHE F 115 26.37 26.93 -19.00
C PHE F 115 25.92 25.74 -19.83
N GLN F 116 26.43 25.64 -21.05
CA GLN F 116 26.01 24.52 -21.86
C GLN F 116 26.53 23.25 -21.26
N VAL F 117 27.80 23.21 -20.93
CA VAL F 117 28.38 22.03 -20.35
C VAL F 117 27.67 21.71 -19.06
N MET F 118 27.37 22.73 -18.29
CA MET F 118 26.75 22.48 -17.01
C MET F 118 25.29 22.10 -17.09
N TYR F 119 24.62 22.38 -18.19
CA TYR F 119 23.23 21.98 -18.27
C TYR F 119 23.13 20.68 -19.02
N THR F 120 24.15 20.33 -19.78
CA THR F 120 24.10 19.11 -20.54
C THR F 120 24.40 17.98 -19.59
N VAL F 121 25.21 18.24 -18.59
CA VAL F 121 25.49 17.21 -17.64
C VAL F 121 24.18 16.96 -16.96
N GLY F 122 23.57 18.02 -16.46
CA GLY F 122 22.30 17.94 -15.78
C GLY F 122 21.23 17.13 -16.49
N TYR F 123 20.95 17.46 -17.74
CA TYR F 123 19.93 16.73 -18.46
C TYR F 123 20.32 15.29 -18.56
N SER F 124 21.48 15.03 -19.14
CA SER F 124 21.96 13.68 -19.32
C SER F 124 21.98 12.89 -18.02
N LEU F 125 22.49 13.49 -16.96
CA LEU F 125 22.52 12.81 -15.68
C LEU F 125 21.13 12.44 -15.23
N SER F 126 20.16 13.34 -15.38
CA SER F 126 18.79 13.03 -14.99
C SER F 126 18.05 12.31 -16.10
N LEU F 127 18.64 12.19 -17.28
CA LEU F 127 17.99 11.46 -18.35
C LEU F 127 18.22 10.00 -18.08
N GLY F 128 19.34 9.67 -17.47
CA GLY F 128 19.62 8.29 -17.16
C GLY F 128 18.67 7.84 -16.09
N ALA F 129 18.69 8.51 -14.95
CA ALA F 129 17.84 8.17 -13.83
C ALA F 129 16.35 8.11 -14.14
N LEU F 130 15.85 9.00 -14.99
CA LEU F 130 14.44 8.96 -15.35
C LEU F 130 14.12 7.62 -15.96
N LEU F 131 14.93 7.18 -16.92
CA LEU F 131 14.69 5.90 -17.54
C LEU F 131 14.71 4.78 -16.53
N LEU F 132 15.73 4.77 -15.69
CA LEU F 132 15.84 3.72 -14.68
C LEU F 132 14.62 3.73 -13.77
N ALA F 133 14.06 4.91 -13.56
CA ALA F 133 12.85 5.08 -12.75
C ALA F 133 11.62 4.58 -13.47
N LEU F 134 11.49 4.91 -14.77
CA LEU F 134 10.36 4.42 -15.55
C LEU F 134 10.38 2.90 -15.66
N ALA F 135 11.55 2.31 -15.91
CA ALA F 135 11.66 0.88 -16.01
C ALA F 135 11.28 0.17 -14.71
N ILE F 136 11.73 0.69 -13.57
CA ILE F 136 11.40 0.06 -12.29
C ILE F 136 9.94 0.31 -11.93
N LEU F 137 9.38 1.44 -12.37
CA LEU F 137 8.01 1.78 -11.99
C LEU F 137 6.99 0.98 -12.80
N GLY F 138 7.23 0.81 -14.10
CA GLY F 138 6.23 0.21 -14.96
C GLY F 138 6.39 -1.27 -15.20
N GLY F 139 6.98 -1.98 -14.24
CA GLY F 139 7.16 -3.41 -14.38
C GLY F 139 7.00 -4.17 -13.09
N LEU F 140 6.45 -3.52 -12.07
CA LEU F 140 6.39 -4.08 -10.72
C LEU F 140 4.95 -4.14 -10.20
N SER F 141 4.80 -4.45 -8.91
CA SER F 141 3.46 -4.64 -8.34
C SER F 141 2.64 -3.36 -8.42
N LYS F 142 3.27 -2.21 -8.26
CA LYS F 142 2.58 -0.92 -8.32
C LYS F 142 2.57 -0.34 -9.73
N LEU F 143 2.58 -1.19 -10.76
CA LEU F 143 2.69 -0.72 -12.13
C LEU F 143 1.52 0.15 -12.55
N HIS F 144 0.35 -0.01 -11.92
CA HIS F 144 -0.83 0.77 -12.30
C HIS F 144 -1.52 1.24 -11.02
N CYS F 145 -1.14 2.43 -10.55
CA CYS F 145 -1.83 3.13 -9.49
C CYS F 145 -2.14 4.54 -9.94
N THR F 146 -3.30 5.06 -9.52
CA THR F 146 -3.76 6.35 -9.99
C THR F 146 -2.78 7.47 -9.67
N ARG F 147 -2.23 7.51 -8.45
CA ARG F 147 -1.21 8.52 -8.14
C ARG F 147 0.11 8.20 -8.84
N ASN F 148 0.49 6.92 -8.87
CA ASN F 148 1.76 6.50 -9.42
C ASN F 148 1.82 6.62 -10.95
N ALA F 149 0.69 6.42 -11.64
CA ALA F 149 0.69 6.57 -13.08
C ALA F 149 0.98 8.00 -13.50
N ILE F 150 0.49 8.98 -12.75
CA ILE F 150 0.80 10.38 -13.05
C ILE F 150 2.29 10.63 -12.89
N HIS F 151 2.90 10.07 -11.85
CA HIS F 151 4.35 10.21 -11.67
C HIS F 151 5.12 9.57 -12.83
N ALA F 152 4.69 8.38 -13.25
CA ALA F 152 5.35 7.73 -14.37
C ALA F 152 5.23 8.55 -15.65
N ASN F 153 4.06 9.13 -15.88
CA ASN F 153 3.81 9.93 -17.08
C ASN F 153 4.53 11.26 -17.03
N LEU F 154 4.83 11.73 -15.85
CA LEU F 154 5.62 12.95 -15.68
C LEU F 154 7.06 12.63 -15.97
N PHE F 155 7.54 11.51 -15.46
CA PHE F 155 8.90 11.08 -15.81
C PHE F 155 9.05 10.92 -17.31
N ALA F 156 7.97 10.61 -18.00
CA ALA F 156 8.05 10.57 -19.45
C ALA F 156 8.17 11.95 -20.01
N SER F 157 7.49 12.93 -19.42
CA SER F 157 7.51 14.27 -19.97
C SER F 157 8.85 14.85 -19.72
N PHE F 158 9.51 14.37 -18.69
CA PHE F 158 10.86 14.84 -18.40
C PHE F 158 11.87 14.22 -19.36
N VAL F 159 11.74 12.92 -19.61
CA VAL F 159 12.59 12.25 -20.60
C VAL F 159 12.41 12.89 -21.97
N LEU F 160 11.17 13.22 -22.32
CA LEU F 160 10.91 13.80 -23.63
C LEU F 160 11.60 15.11 -23.76
N LYS F 161 11.51 15.94 -22.72
CA LYS F 161 12.15 17.26 -22.76
C LYS F 161 13.66 17.14 -22.82
N ALA F 162 14.24 16.42 -21.87
CA ALA F 162 15.67 16.29 -21.79
C ALA F 162 16.17 15.85 -23.12
N SER F 163 15.53 14.85 -23.68
CA SER F 163 15.93 14.37 -24.98
C SER F 163 15.73 15.45 -26.02
N SER F 164 14.62 16.16 -25.96
CA SER F 164 14.36 17.18 -26.95
C SER F 164 15.45 18.23 -26.97
N VAL F 165 15.77 18.80 -25.82
CA VAL F 165 16.78 19.85 -25.78
C VAL F 165 18.21 19.43 -25.93
N LEU F 166 18.48 18.14 -25.85
CA LEU F 166 19.83 17.62 -26.03
C LEU F 166 20.10 17.33 -27.48
N VAL F 167 19.05 17.37 -28.30
CA VAL F 167 19.17 17.09 -29.70
C VAL F 167 18.97 18.34 -30.50
N ILE F 168 18.43 19.38 -29.90
CA ILE F 168 18.23 20.60 -30.66
C ILE F 168 19.49 21.39 -30.70
N ASP F 169 20.37 21.13 -29.76
CA ASP F 169 21.65 21.82 -29.74
C ASP F 169 22.67 20.99 -30.51
N GLY F 170 22.38 19.71 -30.70
CA GLY F 170 23.28 18.85 -31.42
C GLY F 170 23.30 19.41 -32.81
N LEU F 171 22.12 19.59 -33.37
CA LEU F 171 21.96 20.16 -34.69
C LEU F 171 22.66 21.47 -34.72
N LEU F 172 22.32 22.36 -33.79
CA LEU F 172 22.91 23.68 -33.72
C LEU F 172 24.43 23.64 -33.70
N ARG F 173 24.98 22.81 -32.85
CA ARG F 173 26.43 22.71 -32.78
C ARG F 173 26.94 22.23 -34.11
N THR F 174 26.33 21.18 -34.64
CA THR F 174 26.77 20.61 -35.90
C THR F 174 26.48 21.47 -37.11
N ARG F 175 25.59 22.44 -37.01
CA ARG F 175 25.21 23.25 -38.16
C ARG F 175 25.89 24.59 -38.12
N TYR F 176 26.92 24.72 -37.31
CA TYR F 176 27.67 25.96 -37.27
C TYR F 176 29.14 25.65 -37.11
N SER F 177 29.46 24.42 -36.70
CA SER F 177 30.85 24.06 -36.46
C SER F 177 31.42 23.27 -37.63
N GLN F 178 30.81 23.43 -38.80
CA GLN F 178 31.35 22.79 -39.99
C GLN F 178 32.32 23.81 -40.54
N LYS F 179 33.31 23.36 -41.31
CA LYS F 179 34.28 24.27 -41.89
C LYS F 179 33.62 25.08 -42.98
N ILE F 180 33.27 26.32 -42.67
CA ILE F 180 32.59 27.17 -43.64
C ILE F 180 33.54 28.21 -44.21
N GLY F 181 34.57 27.73 -44.91
CA GLY F 181 35.53 28.65 -45.50
C GLY F 181 35.41 28.60 -47.01
N ASP F 182 35.52 27.41 -47.57
CA ASP F 182 35.41 27.26 -49.02
C ASP F 182 34.12 27.88 -49.51
N ASP F 183 34.20 28.71 -50.56
CA ASP F 183 33.03 29.38 -51.10
C ASP F 183 31.77 28.55 -51.04
N LEU F 184 31.83 27.32 -51.55
CA LEU F 184 30.66 26.46 -51.55
C LEU F 184 30.06 26.31 -50.16
N SER F 185 30.84 25.81 -49.20
CA SER F 185 30.32 25.56 -47.84
C SER F 185 29.53 26.72 -47.27
N VAL F 186 30.16 27.89 -47.16
CA VAL F 186 29.48 29.03 -46.55
C VAL F 186 28.21 29.36 -47.32
N SER F 187 28.35 29.64 -48.61
CA SER F 187 27.20 30.01 -49.42
C SER F 187 26.01 29.08 -49.29
N THR F 188 26.28 27.79 -49.15
CA THR F 188 25.19 26.81 -49.11
C THR F 188 24.61 26.59 -47.73
N TRP F 189 25.45 26.64 -46.70
CA TRP F 189 24.99 26.34 -45.35
C TRP F 189 24.05 27.42 -44.83
N LEU F 190 24.33 28.67 -45.13
CA LEU F 190 23.51 29.76 -44.62
C LEU F 190 22.19 29.69 -45.36
N SER F 191 22.19 29.02 -46.50
CA SER F 191 20.99 28.92 -47.30
C SER F 191 20.21 27.67 -46.92
N ASP F 192 19.10 27.43 -47.60
CA ASP F 192 18.29 26.26 -47.31
C ASP F 192 19.10 24.99 -47.42
N GLY F 193 19.29 24.31 -46.29
CA GLY F 193 20.03 23.06 -46.31
C GLY F 193 19.18 22.03 -45.62
N ALA F 194 19.61 21.58 -44.45
CA ALA F 194 18.81 20.64 -43.67
C ALA F 194 18.00 21.42 -42.65
N VAL F 195 17.57 22.61 -43.07
CA VAL F 195 16.77 23.44 -42.18
C VAL F 195 15.48 22.72 -41.88
N ALA F 196 15.20 21.65 -42.62
CA ALA F 196 14.00 20.87 -42.39
C ALA F 196 14.13 20.15 -41.08
N GLY F 197 15.20 19.39 -40.93
CA GLY F 197 15.44 18.68 -39.69
C GLY F 197 15.47 19.61 -38.51
N CYS F 198 16.19 20.72 -38.65
CA CYS F 198 16.29 21.67 -37.58
C CYS F 198 14.93 22.18 -37.21
N ARG F 199 14.17 22.63 -38.20
CA ARG F 199 12.87 23.22 -37.92
C ARG F 199 11.97 22.28 -37.17
N VAL F 200 11.93 21.02 -37.56
CA VAL F 200 10.99 20.13 -36.92
C VAL F 200 11.49 19.69 -35.56
N ALA F 201 12.78 19.72 -35.33
CA ALA F 201 13.29 19.39 -34.01
C ALA F 201 13.05 20.54 -33.07
N ALA F 202 12.87 21.73 -33.63
CA ALA F 202 12.59 22.87 -32.81
C ALA F 202 11.17 22.80 -32.33
N VAL F 203 10.23 22.57 -33.24
CA VAL F 203 8.84 22.41 -32.82
C VAL F 203 8.79 21.27 -31.84
N PHE F 204 9.49 20.20 -32.14
CA PHE F 204 9.40 19.08 -31.25
C PHE F 204 10.09 19.37 -29.95
N MET F 205 10.91 20.40 -29.85
CA MET F 205 11.53 20.66 -28.57
C MET F 205 10.65 21.54 -27.75
N GLN F 206 9.99 22.51 -28.39
CA GLN F 206 9.14 23.43 -27.67
C GLN F 206 7.97 22.68 -27.14
N TYR F 207 7.40 21.76 -27.92
CA TYR F 207 6.32 20.94 -27.39
C TYR F 207 6.76 20.35 -26.09
N GLY F 208 7.97 19.83 -26.05
CA GLY F 208 8.41 19.14 -24.84
C GLY F 208 8.50 20.05 -23.64
N ILE F 209 9.03 21.25 -23.82
CA ILE F 209 9.15 22.15 -22.70
C ILE F 209 7.77 22.44 -22.14
N VAL F 210 6.82 22.74 -23.02
CA VAL F 210 5.50 23.09 -22.54
C VAL F 210 4.79 21.87 -21.94
N ALA F 211 5.03 20.68 -22.47
CA ALA F 211 4.40 19.49 -21.92
C ALA F 211 4.91 19.21 -20.55
N ASN F 212 6.18 19.48 -20.31
CA ASN F 212 6.74 19.28 -18.98
C ASN F 212 6.04 20.18 -17.95
N TYR F 213 5.84 21.44 -18.30
CA TYR F 213 5.19 22.37 -17.40
C TYR F 213 3.74 22.03 -17.22
N CYS F 214 3.10 21.50 -18.25
CA CYS F 214 1.71 21.07 -18.11
C CYS F 214 1.60 19.82 -17.28
N TRP F 215 2.56 18.92 -17.34
CA TRP F 215 2.46 17.75 -16.49
C TRP F 215 2.83 18.09 -15.06
N LEU F 216 3.54 19.17 -14.84
CA LEU F 216 3.80 19.61 -13.47
C LEU F 216 2.53 20.25 -12.96
N LEU F 217 1.83 20.98 -13.82
CA LEU F 217 0.57 21.58 -13.42
C LEU F 217 -0.48 20.53 -13.07
N VAL F 218 -0.60 19.49 -13.90
CA VAL F 218 -1.60 18.46 -13.61
C VAL F 218 -1.19 17.63 -12.40
N GLU F 219 0.09 17.58 -12.10
CA GLU F 219 0.55 16.87 -10.92
C GLU F 219 0.09 17.65 -9.72
N GLY F 220 0.17 18.97 -9.79
CA GLY F 220 -0.30 19.77 -8.69
C GLY F 220 -1.79 19.66 -8.57
N LEU F 221 -2.50 19.74 -9.68
CA LEU F 221 -3.95 19.72 -9.65
C LEU F 221 -4.48 18.42 -9.07
N TYR F 222 -3.86 17.29 -9.40
CA TYR F 222 -4.31 16.01 -8.85
C TYR F 222 -4.19 15.99 -7.34
N LEU F 223 -3.07 16.50 -6.81
CA LEU F 223 -2.89 16.57 -5.37
C LEU F 223 -3.85 17.55 -4.72
N HIS F 224 -4.11 18.70 -5.36
CA HIS F 224 -5.06 19.65 -4.81
C HIS F 224 -6.48 19.10 -4.80
N ASN F 225 -6.87 18.41 -5.86
CA ASN F 225 -8.21 17.82 -5.95
C ASN F 225 -8.36 16.55 -5.14
N LEU F 226 -7.25 16.00 -4.64
CA LEU F 226 -7.29 14.80 -3.81
C LEU F 226 -7.39 15.11 -2.33
N LEU F 227 -7.32 16.38 -1.94
CA LEU F 227 -7.36 16.78 -0.55
C LEU F 227 -8.65 17.48 -0.15
N GLY F 228 -9.31 18.17 -1.07
CA GLY F 228 -10.54 18.86 -0.72
C GLY F 228 -11.68 17.92 -0.37
N LEU F 229 -11.84 16.85 -1.15
CA LEU F 229 -12.96 15.95 -0.97
C LEU F 229 -12.72 15.03 0.23
N ALA F 230 -13.80 14.72 0.94
CA ALA F 230 -13.70 13.88 2.13
C ALA F 230 -13.48 12.41 1.77
N THR F 231 -14.20 11.93 0.76
CA THR F 231 -14.12 10.52 0.39
C THR F 231 -12.93 10.28 -0.54
N LEU F 232 -12.79 9.03 -0.98
CA LEU F 232 -11.86 8.71 -2.03
C LEU F 232 -12.48 9.06 -3.39
N PRO F 233 -11.65 9.39 -4.38
CA PRO F 233 -12.20 9.71 -5.71
C PRO F 233 -12.83 8.49 -6.35
N GLU F 234 -14.13 8.57 -6.61
CA GLU F 234 -14.84 7.48 -7.27
C GLU F 234 -14.34 7.30 -8.71
N ARG F 235 -14.11 8.41 -9.40
CA ARG F 235 -13.57 8.38 -10.75
C ARG F 235 -12.15 8.93 -10.74
N SER F 236 -11.23 8.17 -11.34
CA SER F 236 -9.83 8.60 -11.37
C SER F 236 -9.61 9.80 -12.27
N PHE F 237 -10.54 10.01 -13.17
CA PHE F 237 -10.50 11.10 -14.11
C PHE F 237 -9.20 11.05 -14.86
N PHE F 238 -8.58 9.88 -14.92
CA PHE F 238 -7.32 9.73 -15.63
C PHE F 238 -7.33 10.21 -17.06
N SER F 239 -8.41 9.98 -17.79
CA SER F 239 -8.50 10.48 -19.14
C SER F 239 -8.35 11.98 -19.11
N LEU F 240 -9.08 12.66 -18.24
CA LEU F 240 -8.97 14.10 -18.14
C LEU F 240 -7.56 14.61 -17.93
N TYR F 241 -6.79 13.89 -17.13
CA TYR F 241 -5.44 14.33 -16.80
C TYR F 241 -4.47 14.13 -17.94
N LEU F 242 -4.70 13.11 -18.77
CA LEU F 242 -3.83 12.85 -19.90
C LEU F 242 -4.14 13.80 -21.03
N GLY F 243 -5.13 14.65 -20.86
CA GLY F 243 -5.46 15.62 -21.87
C GLY F 243 -5.07 17.00 -21.41
N ILE F 244 -4.97 17.20 -20.10
CA ILE F 244 -4.54 18.49 -19.58
C ILE F 244 -3.07 18.51 -19.79
N GLY F 245 -2.45 17.33 -19.72
CA GLY F 245 -1.03 17.24 -19.97
C GLY F 245 -0.84 17.05 -21.44
N TRP F 246 -0.20 15.97 -21.87
CA TRP F 246 0.07 15.70 -23.29
C TRP F 246 -0.69 16.50 -24.34
N GLY F 247 -2.00 16.46 -24.29
CA GLY F 247 -2.80 17.20 -25.25
C GLY F 247 -2.76 18.71 -25.24
N ALA F 248 -2.96 19.35 -24.10
CA ALA F 248 -3.04 20.81 -24.08
C ALA F 248 -1.84 21.58 -24.60
N PRO F 249 -0.61 21.12 -24.37
CA PRO F 249 0.48 21.84 -25.00
C PRO F 249 0.27 22.00 -26.49
N MET F 250 -0.26 21.01 -27.20
CA MET F 250 -0.52 21.21 -28.62
C MET F 250 -1.37 22.44 -28.89
N LEU F 251 -2.40 22.66 -28.08
CA LEU F 251 -3.25 23.80 -28.29
C LEU F 251 -2.44 25.06 -28.11
N PHE F 252 -1.19 24.98 -27.67
CA PHE F 252 -0.40 26.21 -27.58
C PHE F 252 0.82 26.18 -28.47
N VAL F 253 1.29 25.00 -28.83
CA VAL F 253 2.52 24.91 -29.62
C VAL F 253 2.22 24.95 -31.10
N VAL F 254 1.10 24.35 -31.50
CA VAL F 254 0.73 24.44 -32.91
C VAL F 254 0.52 25.85 -33.45
N PRO F 255 -0.12 26.78 -32.65
CA PRO F 255 -0.19 28.11 -33.26
C PRO F 255 1.17 28.76 -33.37
N TRP F 256 2.14 28.33 -32.58
CA TRP F 256 3.47 28.89 -32.68
C TRP F 256 4.10 28.41 -33.96
N ALA F 257 4.06 27.10 -34.19
CA ALA F 257 4.64 26.54 -35.38
C ALA F 257 4.10 27.26 -36.60
N VAL F 258 2.80 27.51 -36.65
CA VAL F 258 2.27 28.12 -37.83
C VAL F 258 2.67 29.59 -37.93
N VAL F 259 2.80 30.29 -36.81
CA VAL F 259 3.11 31.70 -36.87
C VAL F 259 4.55 31.88 -37.33
N LYS F 260 5.37 30.86 -37.13
CA LYS F 260 6.74 30.94 -37.60
C LYS F 260 6.76 30.55 -39.06
N CYS F 261 6.16 29.42 -39.40
CA CYS F 261 6.19 28.94 -40.76
C CYS F 261 5.58 29.89 -41.74
N LEU F 262 4.71 30.76 -41.27
CA LEU F 262 3.97 31.63 -42.19
C LEU F 262 4.40 33.09 -42.12
N PHE F 263 4.58 33.63 -40.92
CA PHE F 263 4.88 35.05 -40.82
C PHE F 263 6.36 35.33 -40.68
N GLU F 264 7.04 34.62 -39.81
CA GLU F 264 8.46 34.89 -39.55
C GLU F 264 9.34 33.65 -39.66
N ASN F 265 9.84 33.37 -40.86
CA ASN F 265 10.73 32.24 -41.05
C ASN F 265 12.15 32.68 -40.87
N VAL F 266 12.95 31.87 -40.18
CA VAL F 266 14.35 32.20 -39.97
C VAL F 266 15.11 30.87 -39.98
N GLN F 267 16.41 30.90 -40.24
CA GLN F 267 17.23 29.69 -40.33
C GLN F 267 16.71 28.48 -39.60
N CYS F 268 16.86 28.47 -38.29
CA CYS F 268 16.29 27.40 -37.52
C CYS F 268 15.46 28.21 -36.58
N TRP F 269 14.28 27.76 -36.23
CA TRP F 269 13.42 28.60 -35.42
C TRP F 269 13.87 28.81 -33.99
N THR F 270 15.01 28.24 -33.61
CA THR F 270 15.52 28.47 -32.27
C THR F 270 15.63 29.94 -31.99
N SER F 271 16.17 30.67 -32.95
CA SER F 271 16.32 32.10 -32.78
C SER F 271 14.97 32.74 -32.61
N ASN F 272 14.78 33.41 -31.49
CA ASN F 272 13.48 34.01 -31.20
C ASN F 272 13.43 35.49 -31.34
N ASP F 273 12.74 35.97 -32.36
CA ASP F 273 12.56 37.40 -32.52
C ASP F 273 11.09 37.63 -32.28
N ASN F 274 10.60 38.84 -32.48
CA ASN F 274 9.18 39.18 -32.27
C ASN F 274 8.65 38.61 -30.97
N MET F 275 8.95 39.27 -29.86
CA MET F 275 8.56 38.75 -28.56
C MET F 275 7.08 38.43 -28.39
N GLY F 276 6.23 39.06 -29.21
CA GLY F 276 4.82 38.76 -29.15
C GLY F 276 4.56 37.34 -29.58
N PHE F 277 5.41 36.81 -30.45
CA PHE F 277 5.22 35.47 -30.96
C PHE F 277 5.87 34.48 -30.02
N TRP F 278 6.44 34.95 -28.92
CA TRP F 278 6.97 34.02 -27.96
C TRP F 278 6.10 34.08 -26.75
N TRP F 279 5.18 35.01 -26.73
CA TRP F 279 4.27 35.03 -25.62
C TRP F 279 3.27 33.92 -25.74
N ILE F 280 3.11 33.37 -26.94
CA ILE F 280 2.18 32.27 -27.14
C ILE F 280 2.76 30.95 -26.70
N LEU F 281 4.00 30.95 -26.26
CA LEU F 281 4.59 29.74 -25.75
C LEU F 281 5.00 30.00 -24.33
N ARG F 282 4.70 31.19 -23.83
CA ARG F 282 5.07 31.54 -22.47
C ARG F 282 3.84 31.69 -21.59
N PHE F 283 2.72 32.10 -22.15
CA PHE F 283 1.49 32.28 -21.39
C PHE F 283 1.07 30.97 -20.71
N PRO F 284 1.08 29.81 -21.38
CA PRO F 284 0.82 28.56 -20.65
C PRO F 284 1.82 28.32 -19.53
N VAL F 285 3.08 28.66 -19.74
CA VAL F 285 4.06 28.48 -18.69
C VAL F 285 3.68 29.35 -17.49
N PHE F 286 3.48 30.64 -17.68
CA PHE F 286 3.16 31.53 -16.56
C PHE F 286 1.88 31.08 -15.87
N LEU F 287 0.88 30.65 -16.63
CA LEU F 287 -0.35 30.17 -16.02
C LEU F 287 -0.10 28.94 -15.17
N ALA F 288 0.62 27.96 -15.71
CA ALA F 288 0.91 26.71 -15.02
C ALA F 288 1.91 26.87 -13.89
N ILE F 289 2.59 28.01 -13.81
CA ILE F 289 3.42 28.33 -12.66
C ILE F 289 2.64 29.05 -11.57
N LEU F 290 1.85 30.06 -11.93
CA LEU F 290 1.10 30.80 -10.92
C LEU F 290 0.03 29.93 -10.28
N ILE F 291 -0.72 29.18 -11.09
CA ILE F 291 -1.92 28.51 -10.59
C ILE F 291 -1.55 27.19 -9.91
N ASN F 292 -0.23 26.90 -9.88
CA ASN F 292 0.28 25.73 -9.14
C ASN F 292 1.07 26.23 -7.95
N PHE F 293 1.62 27.44 -8.02
CA PHE F 293 2.20 28.04 -6.83
C PHE F 293 1.11 28.39 -5.81
N PHE F 294 -0.08 28.77 -6.30
CA PHE F 294 -1.20 29.01 -5.39
C PHE F 294 -1.55 27.75 -4.61
N ILE F 295 -1.68 26.61 -5.29
CA ILE F 295 -1.97 25.38 -4.56
C ILE F 295 -0.75 24.86 -3.81
N PHE F 296 0.44 25.32 -4.14
CA PHE F 296 1.60 24.92 -3.34
C PHE F 296 1.50 25.62 -2.00
N VAL F 297 1.20 26.91 -1.98
CA VAL F 297 1.08 27.57 -0.68
C VAL F 297 -0.16 27.05 0.06
N ARG F 298 -1.24 26.72 -0.68
CA ARG F 298 -2.42 26.15 -0.05
C ARG F 298 -2.16 24.80 0.62
N ILE F 299 -1.38 23.94 0.00
CA ILE F 299 -1.05 22.64 0.59
C ILE F 299 -0.28 22.82 1.89
N VAL F 300 0.73 23.68 1.89
CA VAL F 300 1.47 23.95 3.12
C VAL F 300 0.58 24.59 4.19
N GLN F 301 -0.38 25.43 3.79
CA GLN F 301 -1.28 26.05 4.75
C GLN F 301 -2.07 25.03 5.57
N LEU F 302 -2.29 23.82 5.05
CA LEU F 302 -2.92 22.75 5.82
C LEU F 302 -1.93 21.71 6.32
N LEU F 303 -0.78 21.58 5.67
CA LEU F 303 0.26 20.69 6.19
C LEU F 303 0.79 21.19 7.52
N VAL F 304 0.88 22.51 7.69
CA VAL F 304 1.24 23.07 8.99
C VAL F 304 0.14 22.86 10.02
N ALA F 305 -1.11 22.70 9.60
CA ALA F 305 -2.20 22.50 10.52
C ALA F 305 -2.19 21.09 11.04
N LYS F 306 -1.82 20.16 10.19
CA LYS F 306 -1.83 18.76 10.58
C LYS F 306 -0.64 18.41 11.45
N LEU F 307 0.41 19.21 11.36
CA LEU F 307 1.61 18.91 12.09
C LEU F 307 1.57 19.56 13.46
N ARG F 308 0.63 20.46 13.65
CA ARG F 308 0.52 21.11 14.93
C ARG F 308 -0.70 20.63 15.68
N ALA F 309 -1.52 19.83 15.01
CA ALA F 309 -2.75 19.35 15.63
C ALA F 309 -2.47 18.38 16.74
N ARG F 310 -1.98 17.20 16.38
CA ARG F 310 -1.68 16.19 17.38
C ARG F 310 -0.20 16.05 17.52
N GLN F 311 0.24 14.92 18.08
CA GLN F 311 1.66 14.65 18.22
C GLN F 311 2.45 15.87 18.64
N MET F 312 1.99 16.52 19.71
CA MET F 312 2.67 17.69 20.23
C MET F 312 3.55 17.38 21.43
N HIS F 313 3.97 16.11 21.50
CA HIS F 313 4.88 15.65 22.53
C HIS F 313 6.27 16.14 22.14
N HIS F 314 6.52 16.22 20.83
CA HIS F 314 7.77 16.72 20.30
C HIS F 314 7.56 18.20 19.98
N THR F 315 7.33 18.99 21.02
CA THR F 315 7.12 20.43 20.87
C THR F 315 8.27 21.02 20.09
N ASP F 316 7.93 21.73 19.02
CA ASP F 316 8.87 22.38 18.08
C ASP F 316 9.77 21.43 17.27
N TYR F 317 9.39 20.17 17.18
CA TYR F 317 10.12 19.20 16.40
C TYR F 317 9.49 19.05 15.01
N LYS F 318 8.45 19.84 14.78
CA LYS F 318 7.77 19.81 13.51
C LYS F 318 8.59 20.61 12.57
N PHE F 319 9.49 21.42 13.11
CA PHE F 319 10.28 22.30 12.27
C PHE F 319 11.01 21.55 11.19
N ARG F 320 11.74 20.51 11.57
CA ARG F 320 12.49 19.76 10.60
C ARG F 320 11.57 19.10 9.60
N LEU F 321 10.47 18.53 10.09
CA LEU F 321 9.56 17.84 9.19
C LEU F 321 8.94 18.80 8.18
N ALA F 322 8.36 19.89 8.65
CA ALA F 322 7.72 20.84 7.75
C ALA F 322 8.68 21.25 6.68
N LYS F 323 9.94 21.45 7.02
CA LYS F 323 10.93 21.83 6.03
C LYS F 323 11.25 20.73 5.06
N SER F 324 11.38 19.50 5.55
CA SER F 324 11.75 18.40 4.69
C SER F 324 10.71 18.18 3.62
N THR F 325 9.45 18.42 3.95
CA THR F 325 8.39 18.25 2.99
C THR F 325 8.31 19.43 2.08
N LEU F 326 8.63 20.61 2.61
CA LEU F 326 8.49 21.79 1.81
C LEU F 326 9.59 21.85 0.79
N THR F 327 10.63 21.04 0.97
CA THR F 327 11.69 21.04 -0.02
C THR F 327 11.60 19.75 -0.83
N LEU F 328 10.56 18.97 -0.55
CA LEU F 328 10.33 17.75 -1.32
C LEU F 328 9.17 18.00 -2.26
N ILE F 329 8.31 18.94 -1.89
CA ILE F 329 7.13 19.27 -2.71
C ILE F 329 7.36 20.19 -3.94
N PRO F 330 8.44 21.00 -3.95
CA PRO F 330 8.57 21.90 -5.11
C PRO F 330 8.84 21.18 -6.43
N LEU F 331 8.64 19.87 -6.49
CA LEU F 331 8.82 19.13 -7.74
C LEU F 331 8.01 19.74 -8.88
N LEU F 332 7.13 20.66 -8.47
CA LEU F 332 6.31 21.37 -9.41
C LEU F 332 6.87 22.76 -9.74
N GLY F 333 6.70 23.72 -8.85
CA GLY F 333 7.11 25.09 -9.15
C GLY F 333 8.10 25.85 -8.31
N VAL F 334 9.17 26.33 -8.94
CA VAL F 334 10.19 27.10 -8.25
C VAL F 334 10.47 28.31 -9.09
N HIS F 335 10.53 28.12 -10.39
CA HIS F 335 10.80 29.20 -11.31
C HIS F 335 10.35 30.57 -10.84
N GLU F 336 9.14 30.65 -10.30
CA GLU F 336 8.64 31.91 -9.78
C GLU F 336 9.77 32.85 -9.42
N VAL F 337 10.69 32.39 -8.59
CA VAL F 337 11.79 33.23 -8.13
C VAL F 337 12.29 34.23 -9.17
N VAL F 338 13.08 33.79 -10.14
CA VAL F 338 13.66 34.73 -11.09
C VAL F 338 12.83 34.79 -12.35
N PHE F 339 11.59 34.35 -12.24
CA PHE F 339 10.71 34.39 -13.39
C PHE F 339 9.89 35.64 -13.32
N ALA F 340 8.59 35.49 -13.51
CA ALA F 340 7.69 36.62 -13.44
C ALA F 340 8.40 37.87 -13.85
N PHE F 341 8.55 38.78 -12.90
CA PHE F 341 9.21 40.05 -13.18
C PHE F 341 10.21 39.93 -14.30
N VAL F 342 11.36 39.38 -13.99
CA VAL F 342 12.34 39.20 -15.03
C VAL F 342 11.77 38.40 -16.19
N THR F 343 11.46 39.05 -17.30
CA THR F 343 11.01 38.31 -18.47
C THR F 343 12.19 38.26 -19.41
N ASP F 344 12.00 37.83 -20.65
CA ASP F 344 13.09 37.88 -21.60
C ASP F 344 13.30 39.32 -21.91
N GLU F 345 12.21 40.06 -22.02
CA GLU F 345 12.32 41.49 -22.23
C GLU F 345 12.71 42.13 -20.91
N HIS F 346 13.08 43.40 -20.94
CA HIS F 346 13.54 44.08 -19.73
C HIS F 346 14.41 43.24 -18.79
N ALA F 347 15.42 42.59 -19.33
CA ALA F 347 16.34 41.82 -18.51
C ALA F 347 17.65 41.85 -19.25
N GLN F 348 18.52 42.75 -18.86
CA GLN F 348 19.78 42.88 -19.57
C GLN F 348 20.87 42.83 -18.53
N GLY F 349 22.11 43.04 -18.94
CA GLY F 349 23.19 43.07 -17.97
C GLY F 349 23.43 41.71 -17.34
N THR F 350 24.09 41.73 -16.18
CA THR F 350 24.39 40.51 -15.45
C THR F 350 23.15 39.86 -14.84
N LEU F 351 22.07 40.62 -14.69
CA LEU F 351 20.84 40.05 -14.16
C LEU F 351 20.38 38.94 -15.07
N ARG F 352 20.37 39.19 -16.37
CA ARG F 352 19.89 38.21 -17.33
C ARG F 352 20.71 36.95 -17.18
N SER F 353 22.02 37.10 -17.18
CA SER F 353 22.90 35.94 -17.09
C SER F 353 22.66 35.15 -15.80
N ALA F 354 22.47 35.86 -14.68
CA ALA F 354 22.20 35.17 -13.42
C ALA F 354 20.87 34.42 -13.49
N LYS F 355 19.87 35.02 -14.11
CA LYS F 355 18.58 34.35 -14.27
C LYS F 355 18.76 33.10 -15.07
N LEU F 356 19.38 33.23 -16.24
CA LEU F 356 19.58 32.09 -17.11
C LEU F 356 20.29 30.99 -16.34
N PHE F 357 21.38 31.30 -15.67
CA PHE F 357 22.13 30.28 -14.95
C PHE F 357 21.25 29.59 -13.92
N PHE F 358 20.56 30.36 -13.08
CA PHE F 358 19.76 29.79 -12.00
C PHE F 358 18.64 28.91 -12.55
N ASP F 359 17.90 29.43 -13.50
CA ASP F 359 16.80 28.68 -14.08
C ASP F 359 17.28 27.45 -14.81
N LEU F 360 18.33 27.57 -15.61
CA LEU F 360 18.85 26.44 -16.37
C LEU F 360 19.25 25.37 -15.40
N PHE F 361 20.00 25.74 -14.38
CA PHE F 361 20.48 24.74 -13.43
C PHE F 361 19.31 24.00 -12.79
N LEU F 362 18.31 24.75 -12.33
CA LEU F 362 17.15 24.09 -11.72
C LEU F 362 16.41 23.21 -12.72
N SER F 363 16.19 23.70 -13.94
CA SER F 363 15.48 22.92 -14.94
C SER F 363 16.25 21.71 -15.41
N SER F 364 17.58 21.74 -15.36
CA SER F 364 18.39 20.60 -15.75
C SER F 364 18.48 19.54 -14.65
N PHE F 365 18.49 19.94 -13.38
CA PHE F 365 18.57 18.97 -12.31
C PHE F 365 17.21 18.63 -11.69
N GLN F 366 16.15 19.21 -12.20
CA GLN F 366 14.82 18.93 -11.69
C GLN F 366 14.53 17.48 -11.89
N GLY F 367 14.70 17.01 -13.11
CA GLY F 367 14.37 15.62 -13.41
C GLY F 367 15.08 14.65 -12.49
N LEU F 368 16.38 14.86 -12.26
CA LEU F 368 17.13 14.01 -11.35
C LEU F 368 16.56 14.09 -9.94
N LEU F 369 16.27 15.30 -9.46
CA LEU F 369 15.73 15.44 -8.11
C LEU F 369 14.38 14.76 -7.97
N VAL F 370 13.51 14.91 -8.96
CA VAL F 370 12.19 14.31 -8.90
C VAL F 370 12.32 12.79 -8.90
N ALA F 371 13.13 12.27 -9.81
CA ALA F 371 13.31 10.82 -9.90
C ALA F 371 13.86 10.25 -8.60
N VAL F 372 14.85 10.92 -8.02
CA VAL F 372 15.44 10.45 -6.76
C VAL F 372 14.40 10.49 -5.65
N LEU F 373 13.63 11.58 -5.58
CA LEU F 373 12.70 11.77 -4.47
C LEU F 373 11.45 10.89 -4.59
N TYR F 374 11.13 10.44 -5.79
CA TYR F 374 9.90 9.70 -5.96
C TYR F 374 10.05 8.28 -6.50
N CYS F 375 11.28 7.82 -6.74
CA CYS F 375 11.49 6.43 -7.15
C CYS F 375 12.70 5.79 -6.47
N PHE F 376 13.37 6.48 -5.57
CA PHE F 376 14.51 5.92 -4.86
C PHE F 376 14.49 6.17 -3.37
N LEU F 377 13.74 7.16 -2.88
CA LEU F 377 13.63 7.43 -1.46
C LEU F 377 12.26 7.07 -0.90
N ASN F 378 11.33 6.64 -1.74
CA ASN F 378 10.01 6.22 -1.27
C ASN F 378 10.15 4.90 -0.52
N LYS F 379 9.56 4.83 0.67
CA LYS F 379 9.65 3.61 1.46
C LYS F 379 8.92 2.44 0.81
N GLU F 380 7.85 2.71 0.07
CA GLU F 380 7.11 1.63 -0.58
C GLU F 380 7.98 0.88 -1.58
N VAL F 381 8.62 1.62 -2.50
CA VAL F 381 9.46 0.97 -3.48
C VAL F 381 10.70 0.33 -2.84
N GLN F 382 11.24 0.93 -1.79
CA GLN F 382 12.38 0.33 -1.09
C GLN F 382 11.99 -1.02 -0.49
N SER F 383 10.86 -1.07 0.21
CA SER F 383 10.40 -2.33 0.79
C SER F 383 10.08 -3.36 -0.27
N GLU F 384 9.44 -2.94 -1.37
CA GLU F 384 9.13 -3.86 -2.45
C GLU F 384 10.40 -4.43 -3.09
N LEU F 385 11.37 -3.57 -3.34
CA LEU F 385 12.58 -4.02 -3.99
C LEU F 385 13.23 -5.04 -3.10
N ARG F 386 13.17 -4.79 -1.80
CA ARG F 386 13.75 -5.74 -0.87
C ARG F 386 13.03 -7.06 -1.00
N ARG F 387 11.71 -7.04 -1.02
CA ARG F 387 10.95 -8.26 -1.14
C ARG F 387 11.29 -9.02 -2.40
N ARG F 388 11.38 -8.32 -3.53
CA ARG F 388 11.62 -9.04 -4.78
C ARG F 388 13.04 -9.54 -4.88
N TRP F 389 13.93 -9.00 -4.07
CA TRP F 389 15.29 -9.50 -4.06
C TRP F 389 15.36 -10.64 -3.07
N HIS F 390 14.62 -10.54 -1.97
CA HIS F 390 14.59 -11.62 -0.99
C HIS F 390 14.05 -12.87 -1.63
N ARG F 391 12.98 -12.71 -2.39
CA ARG F 391 12.35 -13.88 -3.01
C ARG F 391 13.22 -14.50 -4.09
N TRP F 392 14.17 -13.74 -4.63
CA TRP F 392 15.08 -14.33 -5.60
C TRP F 392 16.25 -14.94 -4.85
N ARG F 393 16.68 -14.30 -3.78
CA ARG F 393 17.80 -14.80 -3.01
C ARG F 393 17.27 -15.76 -1.97
N LEU F 394 16.43 -16.69 -2.38
CA LEU F 394 15.90 -17.69 -1.45
C LEU F 394 16.68 -18.98 -1.61
N GLY F 395 16.36 -19.74 -2.65
CA GLY F 395 17.08 -20.98 -2.89
C GLY F 395 18.42 -20.73 -3.55
O01 D6M G . 30.85 21.26 -25.97
C02 D6M G . 29.84 21.90 -25.74
N03 D6M G . 29.31 22.81 -26.55
C04 D6M G . 29.94 23.23 -27.77
C05 D6M G . 29.01 24.05 -28.66
C06 D6M G . 29.55 24.32 -30.08
C07 D6M G . 28.73 25.50 -30.83
O08 D6M G . 29.25 25.18 -32.07
C09 D6M G . 31.16 24.03 -27.41
O10 D6M G . 31.03 25.01 -26.66
O11 D6M G . 32.24 23.64 -27.88
C12 D6M G . 29.13 21.68 -24.43
C13 D6M G . 28.12 20.57 -24.59
C14 D6M G . 28.17 19.54 -23.46
C15 D6M G . 29.44 18.69 -23.44
C16 D6M G . 29.16 17.20 -23.15
C17 D6M G . 28.87 16.96 -21.68
C18 D6M G . 28.35 15.55 -21.43
C19 D6M G . 28.01 15.36 -19.96
C20 D6M G . 27.72 13.90 -19.64
C21 D6M G . 27.51 13.68 -18.15
C22 D6M G . 27.11 12.23 -17.88
C23 D6M G . 26.50 12.03 -16.50
C24 D6M G . 27.55 12.10 -15.38
C25 D6M G . 27.46 10.94 -14.40
C26 D6M G . 28.16 9.69 -14.91
#